data_6JHX
#
_entry.id   6JHX
#
_cell.length_a   45.873
_cell.length_b   60.824
_cell.length_c   87.228
_cell.angle_alpha   80.37
_cell.angle_beta   89.81
_cell.angle_gamma   88.17
#
_symmetry.space_group_name_H-M   'P 1'
#
loop_
_entity.id
_entity.type
_entity.pdbx_description
1 polymer AlgQ2
2 branched '4-deoxy-alpha-L-erythro-hex-4-enopyranuronic acid-(1-4)-beta-D-mannopyranuronic acid-(1-4)-beta-D-mannopyranuronic acid'
3 water water
#
_entity_poly.entity_id   1
_entity_poly.type   'polypeptide(L)'
_entity_poly.pdbx_seq_one_letter_code
;KEATWVTDKPLTLKIHMHFRDKWVWDENWPVAKESFRLTNVKLQSVANKAATNSQEQFNLMMASGDLPDVVGGDNLKDKF
IQYGQEGAFVPLNKLIDQYAPHIKAFFKSHPEVERAIKAPDGNIYFIPYVPDGVVARGYFIREDWLKKLNLKPPQNIDEL
YTVLKAFKEKDPNGNGKAAAVPFIDRHPDEVFRLVNFWGARSSGSDNYMDFYIDNGRVKHPWAETAFRDGMKHVAQWYKE
GLIDKEIFTRKARAREQMFGGNLGGFTHDWFASTMTFNEGLAKTVPGFKLIPIAPPTNSKGQRWEEDSRQKVRPDGWAIT
VKNKNPVETIKFFDFYFSRPGRDISNFGVPGVTYDIKNGKAVFKDSVLKSPQPVNNQLYDMGAQIPIGFWQDYDYERQWT
TPEAQAGIDMYVKGKYVMPGFEGVNMTREERAIYDKYWADVRTYMYEMGQAWVMGTKDVDKTWDEYQRQLKLRGLYQVLQ
MMQQAYDRQYKN
;
_entity_poly.pdbx_strand_id   A,B
#
loop_
_chem_comp.id
_chem_comp.type
_chem_comp.name
_chem_comp.formula
BEM D-saccharide, beta linking 'beta-D-mannopyranuronic acid' 'C6 H10 O7'
MAW L-saccharide, alpha linking '4-deoxy-alpha-L-erythro-hex-4-enopyranuronic acid' 'C6 H8 O6'
#
# COMPACT_ATOMS: atom_id res chain seq x y z
N LYS A 1 35.43 25.10 -0.17
CA LYS A 1 34.10 24.78 0.37
C LYS A 1 33.17 25.92 0.02
N GLU A 2 31.92 25.58 -0.23
CA GLU A 2 30.84 26.55 -0.44
C GLU A 2 29.82 26.48 0.71
N ALA A 3 29.03 27.55 0.90
CA ALA A 3 28.07 27.62 2.00
C ALA A 3 26.99 26.54 1.91
N THR A 4 26.82 26.03 0.69
CA THR A 4 25.78 25.06 0.32
C THR A 4 26.21 23.61 0.51
N TRP A 5 27.48 23.40 0.86
CA TRP A 5 28.04 22.05 1.05
C TRP A 5 27.20 21.28 2.05
N VAL A 6 26.82 20.04 1.71
CA VAL A 6 26.05 19.22 2.66
C VAL A 6 26.95 18.19 3.33
N THR A 7 28.21 18.13 2.90
CA THR A 7 29.21 17.34 3.59
C THR A 7 30.61 17.96 3.36
N ASP A 8 31.51 17.76 4.31
CA ASP A 8 32.90 18.18 4.17
C ASP A 8 33.69 17.16 3.40
N LYS A 9 33.42 15.89 3.66
CA LYS A 9 33.98 14.85 2.87
C LYS A 9 33.11 14.67 1.61
N PRO A 10 33.72 14.77 0.42
CA PRO A 10 33.02 14.56 -0.85
C PRO A 10 32.28 13.21 -0.83
N LEU A 11 31.09 13.19 -1.39
CA LEU A 11 30.31 11.95 -1.42
C LEU A 11 29.83 11.67 -2.85
N THR A 12 30.15 10.47 -3.35
CA THR A 12 29.62 9.99 -4.60
C THR A 12 28.37 9.15 -4.32
N LEU A 13 27.25 9.50 -4.97
CA LEU A 13 26.01 8.75 -4.88
C LEU A 13 25.62 8.18 -6.22
N LYS A 14 25.21 6.93 -6.22
CA LYS A 14 24.75 6.33 -7.47
C LYS A 14 23.30 6.72 -7.76
N ILE A 15 23.06 7.25 -8.96
CA ILE A 15 21.70 7.62 -9.39
C ILE A 15 21.25 6.83 -10.60
N HIS A 16 20.07 6.24 -10.47
CA HIS A 16 19.37 5.73 -11.65
C HIS A 16 18.27 6.70 -12.00
N MET A 17 18.54 7.47 -13.07
CA MET A 17 17.59 8.42 -13.62
C MET A 17 17.48 8.29 -15.14
N HIS A 18 16.36 7.72 -15.59
CA HIS A 18 16.12 7.58 -16.99
C HIS A 18 14.78 8.27 -17.21
N PHE A 19 14.72 9.22 -18.13
CA PHE A 19 13.49 10.00 -18.28
C PHE A 19 13.18 10.31 -19.73
N ARG A 20 11.92 10.72 -19.99
CA ARG A 20 11.41 11.04 -21.33
C ARG A 20 11.76 10.00 -22.43
N ASP A 21 11.92 8.75 -22.03
CA ASP A 21 12.26 7.64 -22.92
C ASP A 21 13.59 7.79 -23.68
N LYS A 22 14.41 8.78 -23.31
CA LYS A 22 15.60 9.14 -24.11
C LYS A 22 16.87 9.42 -23.32
N TRP A 23 16.72 10.03 -22.14
CA TRP A 23 17.89 10.63 -21.46
C TRP A 23 18.16 10.00 -20.10
N VAL A 24 19.40 10.09 -19.68
CA VAL A 24 19.84 9.65 -18.35
C VAL A 24 20.61 10.81 -17.73
N TRP A 25 20.77 10.80 -16.42
CA TRP A 25 21.64 11.75 -15.75
C TRP A 25 23.04 11.77 -16.41
N ASP A 26 23.51 12.95 -16.81
CA ASP A 26 24.81 13.04 -17.45
C ASP A 26 25.77 13.87 -16.61
N GLU A 27 26.79 13.19 -16.10
CA GLU A 27 27.70 13.82 -15.20
C GLU A 27 28.59 14.82 -15.90
N ASN A 28 28.56 14.83 -17.24
CA ASN A 28 29.19 15.91 -18.06
C ASN A 28 28.37 17.20 -18.16
N TRP A 29 27.08 17.10 -17.83
CA TRP A 29 26.22 18.27 -17.74
C TRP A 29 26.92 19.31 -16.86
N PRO A 30 27.05 20.54 -17.40
CA PRO A 30 27.52 21.65 -16.57
C PRO A 30 26.75 21.78 -15.27
N VAL A 31 25.44 21.59 -15.32
CA VAL A 31 24.63 21.74 -14.11
C VAL A 31 25.01 20.68 -13.06
N ALA A 32 25.32 19.46 -13.51
CA ALA A 32 25.71 18.39 -12.58
C ALA A 32 27.06 18.71 -11.91
N LYS A 33 28.01 19.27 -12.66
CA LYS A 33 29.30 19.64 -12.09
C LYS A 33 29.08 20.81 -11.15
N GLU A 34 28.11 21.65 -11.48
CA GLU A 34 27.84 22.78 -10.61
C GLU A 34 27.17 22.33 -9.32
N SER A 35 26.33 21.31 -9.42
CA SER A 35 25.69 20.69 -8.25
C SER A 35 26.76 20.11 -7.34
N PHE A 36 27.70 19.39 -7.94
CA PHE A 36 28.82 18.85 -7.18
C PHE A 36 29.55 19.98 -6.47
N ARG A 37 29.94 21.01 -7.26
CA ARG A 37 30.71 22.16 -6.72
C ARG A 37 30.00 22.86 -5.56
N LEU A 38 28.67 22.94 -5.62
CA LEU A 38 27.94 23.66 -4.60
C LEU A 38 27.55 22.79 -3.40
N THR A 39 27.35 21.50 -3.63
CA THR A 39 26.88 20.64 -2.57
C THR A 39 27.95 19.71 -1.99
N ASN A 40 29.04 19.50 -2.74
CA ASN A 40 30.03 18.42 -2.42
C ASN A 40 29.47 16.98 -2.54
N VAL A 41 28.31 16.82 -3.17
CA VAL A 41 27.78 15.51 -3.53
C VAL A 41 27.87 15.30 -5.06
N LYS A 42 28.61 14.27 -5.47
CA LYS A 42 28.72 13.93 -6.88
C LYS A 42 27.74 12.81 -7.21
N LEU A 43 27.06 12.90 -8.36
CA LEU A 43 26.15 11.84 -8.77
C LEU A 43 26.78 10.98 -9.86
N GLN A 44 26.63 9.66 -9.70
CA GLN A 44 27.14 8.68 -10.67
C GLN A 44 25.98 7.98 -11.36
N SER A 45 25.84 8.22 -12.67
CA SER A 45 24.70 7.71 -13.44
C SER A 45 24.88 6.26 -13.78
N VAL A 46 23.93 5.44 -13.34
CA VAL A 46 24.00 3.98 -13.56
C VAL A 46 22.89 3.48 -14.47
N ALA A 47 22.08 4.40 -15.01
CA ALA A 47 21.00 3.99 -15.92
C ALA A 47 21.52 3.72 -17.33
N ASN A 48 20.86 2.79 -18.00
CA ASN A 48 21.19 2.40 -19.36
C ASN A 48 20.87 3.48 -20.40
N LYS A 49 21.95 4.00 -20.96
CA LYS A 49 21.97 5.12 -21.88
C LYS A 49 21.29 4.78 -23.21
N ALA A 50 21.18 3.48 -23.49
CA ALA A 50 20.71 2.96 -24.79
C ALA A 50 19.23 2.67 -24.76
N ALA A 51 18.70 2.39 -23.57
CA ALA A 51 17.29 2.03 -23.45
C ALA A 51 16.40 3.20 -23.85
N THR A 52 15.23 2.90 -24.40
CA THR A 52 14.37 3.91 -24.97
C THR A 52 13.01 3.80 -24.36
N ASN A 53 12.93 3.15 -23.20
CA ASN A 53 11.69 3.11 -22.42
C ASN A 53 11.98 3.32 -20.92
N SER A 54 11.80 4.56 -20.46
CA SER A 54 12.04 4.94 -19.09
C SER A 54 11.32 4.11 -18.03
N GLN A 55 10.03 3.86 -18.23
CA GLN A 55 9.28 3.09 -17.23
C GLN A 55 9.75 1.62 -17.06
N GLU A 56 10.09 0.95 -18.17
CA GLU A 56 10.56 -0.46 -18.12
C GLU A 56 11.91 -0.54 -17.43
N GLN A 57 12.79 0.42 -17.71
CA GLN A 57 14.09 0.57 -17.02
C GLN A 57 13.97 0.67 -15.53
N PHE A 58 13.06 1.51 -15.05
CA PHE A 58 12.82 1.58 -13.63
C PHE A 58 12.41 0.19 -13.17
N ASN A 59 11.38 -0.39 -13.79
CA ASN A 59 10.90 -1.76 -13.44
C ASN A 59 11.96 -2.91 -13.41
N LEU A 60 12.81 -2.96 -14.43
CA LEU A 60 13.91 -3.91 -14.57
C LEU A 60 15.02 -3.70 -13.54
N MET A 61 15.34 -2.44 -13.28
CA MET A 61 16.21 -2.05 -12.20
C MET A 61 15.66 -2.58 -10.87
N MET A 62 14.39 -2.29 -10.58
CA MET A 62 13.76 -2.82 -9.37
C MET A 62 13.81 -4.33 -9.35
N ALA A 63 13.45 -4.93 -10.48
CA ALA A 63 13.45 -6.40 -10.64
C ALA A 63 14.81 -7.02 -10.35
N SER A 64 15.86 -6.41 -10.85
CA SER A 64 17.20 -6.89 -10.66
C SER A 64 17.61 -6.84 -9.21
N GLY A 65 16.97 -5.97 -8.42
CA GLY A 65 17.35 -5.79 -7.04
C GLY A 65 18.72 -5.14 -6.81
N ASP A 66 19.44 -4.83 -7.90
CA ASP A 66 20.67 -4.02 -7.84
C ASP A 66 20.30 -2.53 -7.86
N LEU A 67 19.95 -2.04 -6.70
CA LEU A 67 19.53 -0.67 -6.54
C LEU A 67 20.73 0.27 -6.36
N PRO A 68 20.63 1.49 -6.91
CA PRO A 68 21.55 2.60 -6.65
C PRO A 68 21.14 3.31 -5.35
N ASP A 69 21.68 4.51 -5.11
CA ASP A 69 21.44 5.26 -3.86
C ASP A 69 20.20 6.14 -3.97
N VAL A 70 20.02 6.66 -5.19
CA VAL A 70 18.93 7.58 -5.54
C VAL A 70 18.27 7.12 -6.82
N VAL A 71 16.94 7.21 -6.87
CA VAL A 71 16.19 6.99 -8.10
C VAL A 71 15.31 8.20 -8.40
N GLY A 72 15.43 8.74 -9.62
CA GLY A 72 14.61 9.90 -10.06
C GLY A 72 14.15 9.83 -11.50
N GLY A 73 13.17 10.66 -11.83
CA GLY A 73 12.63 10.65 -13.17
C GLY A 73 11.17 11.04 -13.21
N ASP A 74 10.58 10.92 -14.39
CA ASP A 74 9.20 11.36 -14.68
C ASP A 74 8.19 10.24 -14.55
N ASN A 75 6.98 10.61 -14.14
CA ASN A 75 5.91 9.62 -13.97
C ASN A 75 6.32 8.46 -13.08
N LEU A 76 7.09 8.82 -12.03
CA LEU A 76 7.49 7.85 -11.06
C LEU A 76 6.63 7.84 -9.79
N LYS A 77 5.73 8.82 -9.60
CA LYS A 77 4.99 8.94 -8.33
C LYS A 77 4.40 7.61 -7.82
N ASP A 78 3.58 6.98 -8.67
CA ASP A 78 2.85 5.79 -8.25
C ASP A 78 3.81 4.70 -7.80
N LYS A 79 4.91 4.58 -8.52
CA LYS A 79 5.93 3.56 -8.19
C LYS A 79 6.71 3.94 -6.96
N PHE A 80 7.03 5.22 -6.75
CA PHE A 80 7.68 5.63 -5.52
C PHE A 80 6.83 5.26 -4.30
N ILE A 81 5.53 5.49 -4.41
CA ILE A 81 4.59 5.12 -3.37
C ILE A 81 4.48 3.60 -3.16
N GLN A 82 4.29 2.85 -4.24
CA GLN A 82 4.14 1.42 -4.11
C GLN A 82 5.42 0.71 -3.60
N TYR A 83 6.56 1.00 -4.21
CA TYR A 83 7.84 0.36 -3.84
C TYR A 83 8.44 0.89 -2.54
N GLY A 84 8.10 2.12 -2.19
CA GLY A 84 8.43 2.67 -0.85
C GLY A 84 7.67 1.94 0.23
N GLN A 85 6.38 1.77 0.05
CA GLN A 85 5.61 0.95 0.97
C GLN A 85 6.16 -0.47 1.03
N GLU A 86 6.69 -0.98 -0.08
CA GLU A 86 7.19 -2.34 -0.06
C GLU A 86 8.61 -2.46 0.50
N GLY A 87 9.27 -1.34 0.77
CA GLY A 87 10.58 -1.37 1.41
C GLY A 87 11.77 -1.18 0.50
N ALA A 88 11.53 -0.68 -0.71
CA ALA A 88 12.65 -0.39 -1.62
C ALA A 88 13.21 1.04 -1.46
N PHE A 89 12.38 1.96 -1.02
CA PHE A 89 12.79 3.32 -0.66
C PHE A 89 12.47 3.53 0.82
N VAL A 90 13.10 4.52 1.43
CA VAL A 90 12.95 4.73 2.83
C VAL A 90 12.02 5.91 2.91
N PRO A 91 11.30 6.02 4.03
CA PRO A 91 10.41 7.18 4.16
C PRO A 91 11.24 8.40 4.46
N LEU A 92 10.73 9.59 4.18
CA LEU A 92 11.51 10.80 4.28
C LEU A 92 11.08 11.76 5.36
N ASN A 93 9.93 11.50 5.94
CA ASN A 93 9.33 12.41 6.93
C ASN A 93 10.33 12.87 7.99
N LYS A 94 10.99 11.91 8.63
CA LYS A 94 11.84 12.22 9.80
C LYS A 94 13.18 12.80 9.44
N LEU A 95 13.68 12.39 8.27
CA LEU A 95 14.84 12.98 7.67
C LEU A 95 14.59 14.47 7.38
N ILE A 96 13.46 14.78 6.76
CA ILE A 96 13.05 16.14 6.45
C ILE A 96 12.87 16.94 7.73
N ASP A 97 12.23 16.39 8.75
CA ASP A 97 12.03 17.14 10.00
C ASP A 97 13.36 17.57 10.57
N GLN A 98 14.30 16.65 10.59
CA GLN A 98 15.57 16.87 11.26
C GLN A 98 16.61 17.64 10.42
N TYR A 99 16.57 17.48 9.09
CA TYR A 99 17.70 17.94 8.27
C TYR A 99 17.36 18.72 7.01
N ALA A 100 16.09 18.86 6.66
CA ALA A 100 15.77 19.51 5.39
C ALA A 100 14.87 20.71 5.64
N PRO A 101 15.47 21.84 6.12
CA PRO A 101 14.72 23.02 6.49
C PRO A 101 13.96 23.64 5.33
N HIS A 102 14.54 23.63 4.14
CA HIS A 102 13.89 24.22 2.97
C HIS A 102 12.71 23.40 2.48
N ILE A 103 12.90 22.09 2.31
CA ILE A 103 11.77 21.23 1.96
C ILE A 103 10.72 21.33 3.06
N LYS A 104 11.18 21.37 4.31
CA LYS A 104 10.28 21.43 5.46
C LYS A 104 9.35 22.62 5.39
N ALA A 105 9.96 23.79 5.23
CA ALA A 105 9.24 25.07 5.11
C ALA A 105 8.35 25.15 3.84
N PHE A 106 8.83 24.58 2.74
CA PHE A 106 7.95 24.44 1.57
C PHE A 106 6.67 23.60 1.88
N PHE A 107 6.82 22.42 2.48
CA PHE A 107 5.63 21.58 2.77
C PHE A 107 4.67 22.25 3.73
N LYS A 108 5.22 22.86 4.78
CA LYS A 108 4.39 23.61 5.73
C LYS A 108 3.57 24.72 5.04
N SER A 109 4.17 25.46 4.11
CA SER A 109 3.45 26.46 3.30
C SER A 109 2.56 25.88 2.18
N HIS A 110 2.86 24.64 1.74
CA HIS A 110 2.06 23.96 0.69
C HIS A 110 1.47 22.62 1.14
N PRO A 111 0.65 22.65 2.19
CA PRO A 111 0.16 21.37 2.70
C PRO A 111 -0.63 20.53 1.67
N GLU A 112 -1.31 21.14 0.71
CA GLU A 112 -1.95 20.31 -0.34
C GLU A 112 -0.91 19.52 -1.17
N VAL A 113 0.28 20.06 -1.37
CA VAL A 113 1.29 19.35 -2.16
C VAL A 113 1.80 18.15 -1.35
N GLU A 114 2.21 18.38 -0.10
CA GLU A 114 2.54 17.29 0.84
C GLU A 114 1.49 16.17 0.81
N ARG A 115 0.23 16.57 0.91
CA ARG A 115 -0.85 15.61 0.93
C ARG A 115 -0.93 14.83 -0.39
N ALA A 116 -0.72 15.51 -1.52
CA ALA A 116 -0.80 14.84 -2.82
C ALA A 116 0.27 13.74 -3.00
N ILE A 117 1.45 13.95 -2.43
CA ILE A 117 2.55 13.00 -2.56
C ILE A 117 2.72 11.91 -1.47
N LYS A 118 2.01 11.99 -0.36
CA LYS A 118 2.12 10.99 0.68
C LYS A 118 1.53 9.66 0.27
N ALA A 119 2.16 8.59 0.75
CA ALA A 119 1.60 7.26 0.57
C ALA A 119 0.50 7.03 1.62
N PRO A 120 -0.36 6.02 1.41
CA PRO A 120 -1.41 5.64 2.35
C PRO A 120 -0.88 5.47 3.76
N ASP A 121 0.38 5.04 3.90
CA ASP A 121 0.99 4.89 5.24
C ASP A 121 1.48 6.21 5.86
N GLY A 122 1.14 7.35 5.25
CA GLY A 122 1.51 8.65 5.82
C GLY A 122 2.95 9.03 5.54
N ASN A 123 3.64 8.15 4.84
CA ASN A 123 5.03 8.36 4.48
C ASN A 123 5.25 9.07 3.15
N ILE A 124 6.27 9.90 3.16
CA ILE A 124 6.75 10.63 2.01
C ILE A 124 7.88 9.78 1.46
N TYR A 125 7.64 9.15 0.32
CA TYR A 125 8.70 8.40 -0.30
C TYR A 125 9.47 9.13 -1.36
N PHE A 126 9.12 10.36 -1.68
CA PHE A 126 9.90 11.06 -2.71
C PHE A 126 9.79 12.52 -2.57
N ILE A 127 10.74 13.23 -3.17
CA ILE A 127 10.72 14.68 -3.26
C ILE A 127 10.37 15.06 -4.72
N PRO A 128 9.25 15.79 -4.88
CA PRO A 128 8.65 16.03 -6.19
C PRO A 128 9.26 17.18 -6.95
N TYR A 129 9.09 17.11 -8.28
CA TYR A 129 9.19 18.24 -9.15
C TYR A 129 7.95 19.10 -8.89
N VAL A 130 8.17 20.33 -8.42
CA VAL A 130 7.07 21.28 -8.18
C VAL A 130 7.04 22.35 -9.25
N PRO A 131 5.99 22.34 -10.13
CA PRO A 131 5.89 23.40 -11.16
C PRO A 131 5.57 24.75 -10.56
N ASP A 132 5.76 25.80 -11.35
CA ASP A 132 5.40 27.17 -10.98
C ASP A 132 4.75 27.84 -12.19
N GLY A 133 3.54 28.38 -12.02
CA GLY A 133 2.83 28.98 -13.17
C GLY A 133 1.34 28.71 -13.09
N VAL A 134 0.59 29.07 -14.12
CA VAL A 134 -0.88 29.02 -14.06
C VAL A 134 -1.39 28.24 -15.26
N VAL A 135 -1.15 28.77 -16.45
CA VAL A 135 -1.55 28.06 -17.66
C VAL A 135 -0.43 27.12 -18.15
N ALA A 136 -0.83 26.17 -19.00
CA ALA A 136 0.09 25.21 -19.58
C ALA A 136 0.01 25.37 -21.09
N ARG A 137 -0.74 24.52 -21.76
CA ARG A 137 -0.80 24.55 -23.23
C ARG A 137 -1.91 25.44 -23.76
N GLY A 138 -1.79 25.80 -25.03
CA GLY A 138 -2.81 26.55 -25.71
C GLY A 138 -2.85 26.15 -27.16
N TYR A 139 -3.89 26.62 -27.86
CA TYR A 139 -4.02 26.43 -29.31
C TYR A 139 -3.25 27.49 -30.12
N PHE A 140 -2.48 27.04 -31.11
CA PHE A 140 -1.67 27.90 -31.96
C PHE A 140 -1.93 27.59 -33.41
N ILE A 141 -2.09 28.64 -34.21
CA ILE A 141 -2.39 28.44 -35.61
C ILE A 141 -1.50 29.35 -36.47
N ARG A 142 -1.24 28.93 -37.71
CA ARG A 142 -0.43 29.74 -38.64
C ARG A 142 -1.25 30.91 -39.19
N GLU A 143 -0.98 32.12 -38.70
CA GLU A 143 -1.65 33.30 -39.22
C GLU A 143 -1.19 33.62 -40.65
N ASP A 144 0.08 33.38 -40.95
CA ASP A 144 0.58 33.54 -42.33
C ASP A 144 -0.21 32.63 -43.30
N TRP A 145 -0.59 31.45 -42.84
CA TRP A 145 -1.42 30.58 -43.65
C TRP A 145 -2.85 31.06 -43.70
N LEU A 146 -3.36 31.56 -42.57
CA LEU A 146 -4.68 32.17 -42.59
C LEU A 146 -4.75 33.35 -43.56
N LYS A 147 -3.73 34.21 -43.52
CA LYS A 147 -3.66 35.29 -44.49
C LYS A 147 -3.61 34.77 -45.93
N LYS A 148 -2.58 33.98 -46.26
CA LYS A 148 -2.42 33.43 -47.62
C LYS A 148 -3.76 33.00 -48.20
N LEU A 149 -4.55 32.31 -47.39
CA LEU A 149 -5.80 31.73 -47.86
C LEU A 149 -7.02 32.63 -47.63
N ASN A 150 -6.80 33.83 -47.08
CA ASN A 150 -7.90 34.73 -46.69
C ASN A 150 -8.95 34.04 -45.80
N LEU A 151 -8.51 33.48 -44.67
CA LEU A 151 -9.45 32.82 -43.75
C LEU A 151 -9.40 33.49 -42.37
N LYS A 152 -10.56 33.66 -41.74
CA LYS A 152 -10.60 34.18 -40.37
C LYS A 152 -10.15 33.11 -39.37
N PRO A 153 -9.43 33.51 -38.29
CA PRO A 153 -9.07 32.53 -37.24
C PRO A 153 -10.33 31.79 -36.84
N PRO A 154 -10.28 30.47 -36.70
CA PRO A 154 -11.52 29.74 -36.50
C PRO A 154 -12.09 29.91 -35.08
N GLN A 155 -13.40 30.17 -35.03
CA GLN A 155 -14.09 30.60 -33.81
C GLN A 155 -14.85 29.45 -33.17
N ASN A 156 -15.12 28.41 -33.97
CA ASN A 156 -15.77 27.21 -33.48
C ASN A 156 -15.27 25.99 -34.24
N ILE A 157 -15.73 24.80 -33.81
CA ILE A 157 -15.30 23.51 -34.38
C ILE A 157 -15.72 23.28 -35.83
N ASP A 158 -16.88 23.84 -36.24
CA ASP A 158 -17.28 23.80 -37.65
C ASP A 158 -16.29 24.61 -38.45
N GLU A 159 -15.97 25.80 -37.97
CA GLU A 159 -14.94 26.65 -38.61
C GLU A 159 -13.55 26.08 -38.55
N LEU A 160 -13.23 25.33 -37.49
CA LEU A 160 -11.88 24.75 -37.40
C LEU A 160 -11.71 23.63 -38.43
N TYR A 161 -12.70 22.75 -38.55
CA TYR A 161 -12.72 21.76 -39.62
C TYR A 161 -12.43 22.45 -40.98
N THR A 162 -13.22 23.47 -41.29
CA THR A 162 -13.15 24.19 -42.57
C THR A 162 -11.77 24.82 -42.80
N VAL A 163 -11.22 25.46 -41.77
CA VAL A 163 -9.85 25.95 -41.86
C VAL A 163 -8.83 24.82 -42.10
N LEU A 164 -8.92 23.75 -41.31
CA LEU A 164 -7.93 22.68 -41.40
C LEU A 164 -8.00 21.95 -42.75
N LYS A 165 -9.23 21.76 -43.23
CA LYS A 165 -9.51 21.16 -44.53
C LYS A 165 -8.87 22.03 -45.61
N ALA A 166 -8.92 23.33 -45.39
CA ALA A 166 -8.35 24.27 -46.33
C ALA A 166 -6.82 24.21 -46.29
N PHE A 167 -6.20 24.10 -45.10
CA PHE A 167 -4.72 23.90 -45.02
C PHE A 167 -4.35 22.66 -45.83
N LYS A 168 -5.24 21.66 -45.80
CA LYS A 168 -5.01 20.41 -46.51
C LYS A 168 -5.14 20.61 -48.03
N GLU A 169 -6.31 21.04 -48.45
CA GLU A 169 -6.69 20.99 -49.84
C GLU A 169 -6.06 22.10 -50.68
N LYS A 170 -5.76 23.24 -50.05
CA LYS A 170 -5.25 24.41 -50.77
C LYS A 170 -3.75 24.70 -50.70
N ASP A 171 -2.94 23.82 -50.14
CA ASP A 171 -1.50 23.97 -50.32
C ASP A 171 -0.89 25.33 -49.83
N PRO A 172 -1.25 25.78 -48.60
CA PRO A 172 -0.68 27.04 -48.09
C PRO A 172 0.83 27.00 -47.96
N ASN A 173 1.41 25.81 -47.97
CA ASN A 173 2.85 25.68 -47.95
C ASN A 173 3.42 25.93 -49.35
N ALA A 179 1.31 18.27 -49.38
CA ALA A 179 2.43 18.26 -48.45
C ALA A 179 2.10 18.96 -47.13
N ALA A 180 1.03 19.77 -47.11
CA ALA A 180 0.65 20.49 -45.88
C ALA A 180 -0.07 19.56 -44.90
N VAL A 181 0.37 19.62 -43.64
CA VAL A 181 -0.19 18.77 -42.61
C VAL A 181 -0.88 19.63 -41.54
N PRO A 182 -2.22 19.66 -41.55
CA PRO A 182 -2.91 20.68 -40.73
C PRO A 182 -2.51 20.65 -39.21
N PHE A 183 -2.88 19.58 -38.53
CA PHE A 183 -2.55 19.45 -37.11
C PHE A 183 -1.29 18.59 -36.88
N ILE A 184 -0.34 19.12 -36.12
CA ILE A 184 0.84 18.36 -35.62
C ILE A 184 1.01 18.56 -34.13
N ASP A 185 1.66 17.60 -33.47
CA ASP A 185 1.99 17.82 -32.08
C ASP A 185 3.14 16.96 -31.67
N ARG A 186 4.05 17.52 -30.86
CA ARG A 186 5.17 16.73 -30.28
C ARG A 186 4.75 15.71 -29.18
N HIS A 187 3.50 15.85 -28.70
CA HIS A 187 2.86 14.93 -27.74
C HIS A 187 1.71 14.20 -28.42
N PRO A 188 1.94 12.93 -28.82
CA PRO A 188 0.89 12.10 -29.45
C PRO A 188 -0.44 12.09 -28.65
N ASP A 189 -0.37 12.06 -27.33
CA ASP A 189 -1.56 12.18 -26.47
C ASP A 189 -2.44 13.37 -26.80
N GLU A 190 -1.89 14.43 -27.39
CA GLU A 190 -2.68 15.61 -27.81
C GLU A 190 -3.77 15.28 -28.88
N VAL A 191 -3.51 14.27 -29.71
CA VAL A 191 -4.50 13.82 -30.70
C VAL A 191 -5.82 13.42 -30.04
N PHE A 192 -5.73 12.81 -28.85
CA PHE A 192 -6.97 12.41 -28.11
C PHE A 192 -7.61 13.60 -27.43
N ARG A 193 -6.77 14.56 -27.02
CA ARG A 193 -7.29 15.81 -26.45
C ARG A 193 -8.23 16.54 -27.44
N LEU A 194 -8.06 16.27 -28.74
CA LEU A 194 -9.03 16.74 -29.74
C LEU A 194 -10.51 16.40 -29.45
N VAL A 195 -10.82 15.31 -28.73
CA VAL A 195 -12.21 15.01 -28.38
C VAL A 195 -12.91 16.19 -27.65
N ASN A 196 -12.11 17.06 -27.00
CA ASN A 196 -12.60 18.28 -26.34
C ASN A 196 -13.54 19.10 -27.24
N PHE A 197 -13.30 19.04 -28.55
CA PHE A 197 -14.08 19.83 -29.51
C PHE A 197 -15.46 19.28 -29.81
N TRP A 198 -15.72 18.03 -29.44
CA TRP A 198 -17.06 17.51 -29.48
C TRP A 198 -17.56 17.26 -28.05
N GLY A 199 -17.24 18.19 -27.14
CA GLY A 199 -17.71 18.14 -25.74
C GLY A 199 -17.35 16.93 -24.86
N ALA A 200 -16.28 16.20 -25.20
CA ALA A 200 -15.80 15.09 -24.38
C ALA A 200 -14.47 15.44 -23.70
N ARG A 201 -14.31 15.05 -22.45
CA ARG A 201 -12.99 15.15 -21.80
C ARG A 201 -12.07 14.06 -22.31
N SER A 202 -10.77 14.29 -22.25
CA SER A 202 -9.77 13.21 -22.46
C SER A 202 -8.95 13.06 -21.20
N SER A 203 -9.03 14.05 -20.33
CA SER A 203 -8.31 14.03 -19.06
C SER A 203 -8.91 14.98 -18.07
N GLY A 204 -8.61 14.78 -16.80
CA GLY A 204 -9.07 15.69 -15.79
C GLY A 204 -7.93 16.58 -15.36
N SER A 205 -6.73 16.29 -15.84
CA SER A 205 -5.55 17.13 -15.52
C SER A 205 -4.46 17.23 -16.62
N ASP A 206 -3.37 17.94 -16.30
CA ASP A 206 -2.19 18.01 -17.12
C ASP A 206 -1.50 16.66 -17.32
N ASN A 207 -1.81 15.68 -16.45
CA ASN A 207 -1.47 14.28 -16.67
C ASN A 207 -2.45 13.65 -17.68
N TYR A 208 -1.91 13.10 -18.78
CA TYR A 208 -2.78 12.58 -19.82
C TYR A 208 -3.57 11.38 -19.30
N MET A 209 -4.82 11.25 -19.73
CA MET A 209 -5.67 10.11 -19.41
C MET A 209 -5.96 10.03 -17.93
N ASP A 210 -6.07 11.18 -17.28
CA ASP A 210 -6.39 11.26 -15.86
C ASP A 210 -7.87 11.22 -15.65
N PHE A 211 -8.21 10.76 -14.45
CA PHE A 211 -9.56 10.76 -13.94
C PHE A 211 -10.05 12.18 -13.77
N TYR A 212 -11.36 12.36 -13.77
CA TYR A 212 -11.89 13.63 -13.32
C TYR A 212 -13.09 13.44 -12.38
N ILE A 213 -13.60 14.53 -11.83
CA ILE A 213 -14.84 14.52 -11.02
C ILE A 213 -15.97 15.17 -11.82
N ASP A 214 -17.13 14.52 -11.89
CA ASP A 214 -18.34 15.08 -12.51
C ASP A 214 -19.51 15.01 -11.54
N ASN A 215 -19.95 16.19 -11.05
CA ASN A 215 -20.93 16.26 -9.95
C ASN A 215 -20.69 15.22 -8.85
N GLY A 216 -19.50 15.29 -8.25
CA GLY A 216 -19.08 14.36 -7.19
C GLY A 216 -18.98 12.87 -7.55
N ARG A 217 -18.94 12.54 -8.84
CA ARG A 217 -18.68 11.16 -9.28
C ARG A 217 -17.28 11.09 -9.85
N VAL A 218 -16.44 10.19 -9.33
CA VAL A 218 -15.14 9.94 -9.97
C VAL A 218 -15.36 9.17 -11.28
N LYS A 219 -14.86 9.71 -12.38
CA LYS A 219 -15.03 9.06 -13.67
C LYS A 219 -13.71 9.03 -14.42
N HIS A 220 -13.59 8.06 -15.31
CA HIS A 220 -12.55 8.14 -16.30
C HIS A 220 -13.11 8.60 -17.63
N PRO A 221 -12.60 9.71 -18.17
CA PRO A 221 -13.04 10.28 -19.44
C PRO A 221 -13.07 9.27 -20.61
N TRP A 222 -12.07 8.37 -20.67
CA TRP A 222 -11.98 7.35 -21.75
C TRP A 222 -13.03 6.24 -21.62
N ALA A 223 -13.81 6.23 -20.54
CA ALA A 223 -14.84 5.22 -20.37
C ALA A 223 -16.19 5.76 -20.87
N GLU A 224 -16.24 7.04 -21.18
CA GLU A 224 -17.53 7.69 -21.33
C GLU A 224 -17.94 7.67 -22.79
N THR A 225 -19.24 7.61 -23.06
CA THR A 225 -19.73 7.55 -24.46
C THR A 225 -19.49 8.86 -25.17
N ALA A 226 -19.36 9.95 -24.40
CA ALA A 226 -18.94 11.20 -25.03
C ALA A 226 -17.60 10.98 -25.74
N PHE A 227 -16.71 10.22 -25.11
CA PHE A 227 -15.39 9.92 -25.68
C PHE A 227 -15.53 9.09 -26.97
N ARG A 228 -16.44 8.11 -26.94
CA ARG A 228 -16.71 7.30 -28.11
C ARG A 228 -17.04 8.15 -29.35
N ASP A 229 -17.98 9.07 -29.18
CA ASP A 229 -18.45 9.90 -30.29
C ASP A 229 -17.37 10.90 -30.73
N GLY A 230 -16.67 11.49 -29.77
CA GLY A 230 -15.55 12.33 -30.10
C GLY A 230 -14.55 11.57 -30.97
N MET A 231 -14.18 10.37 -30.57
CA MET A 231 -13.15 9.58 -31.26
C MET A 231 -13.49 9.22 -32.72
N LYS A 232 -14.79 9.10 -33.01
CA LYS A 232 -15.27 8.83 -34.35
C LYS A 232 -14.98 10.01 -35.27
N HIS A 233 -15.11 11.25 -34.75
CA HIS A 233 -14.64 12.43 -35.47
C HIS A 233 -13.11 12.47 -35.65
N VAL A 234 -12.36 12.11 -34.59
CA VAL A 234 -10.91 12.17 -34.63
C VAL A 234 -10.38 11.20 -35.69
N ALA A 235 -10.96 10.01 -35.75
CA ALA A 235 -10.58 9.02 -36.77
C ALA A 235 -10.86 9.57 -38.16
N GLN A 236 -12.03 10.19 -38.33
CA GLN A 236 -12.40 10.79 -39.61
C GLN A 236 -11.39 11.83 -40.03
N TRP A 237 -11.05 12.73 -39.11
CA TRP A 237 -10.05 13.76 -39.34
C TRP A 237 -8.71 13.11 -39.70
N TYR A 238 -8.39 12.00 -39.02
CA TYR A 238 -7.18 11.25 -39.35
C TYR A 238 -7.27 10.63 -40.75
N LYS A 239 -8.37 9.93 -41.02
CA LYS A 239 -8.66 9.40 -42.34
C LYS A 239 -8.52 10.49 -43.42
N GLU A 240 -8.96 11.71 -43.13
CA GLU A 240 -8.84 12.80 -44.12
C GLU A 240 -7.45 13.41 -44.20
N GLY A 241 -6.52 12.95 -43.36
CA GLY A 241 -5.16 13.49 -43.32
C GLY A 241 -5.10 14.87 -42.67
N LEU A 242 -6.12 15.22 -41.88
CA LEU A 242 -6.07 16.48 -41.14
C LEU A 242 -5.08 16.35 -39.99
N ILE A 243 -4.87 15.13 -39.52
CA ILE A 243 -3.90 14.91 -38.48
C ILE A 243 -2.61 14.29 -39.03
N ASP A 244 -1.46 14.79 -38.59
CA ASP A 244 -0.17 14.23 -38.95
C ASP A 244 -0.27 12.71 -38.94
N LYS A 245 0.00 12.10 -40.10
CA LYS A 245 -0.08 10.63 -40.24
C LYS A 245 0.84 9.90 -39.24
N GLU A 246 1.96 10.54 -38.92
CA GLU A 246 2.95 10.04 -37.99
C GLU A 246 2.76 10.65 -36.61
N ILE A 247 1.51 10.98 -36.26
CA ILE A 247 1.23 11.65 -34.99
C ILE A 247 1.80 10.89 -33.80
N PHE A 248 1.69 9.57 -33.82
CA PHE A 248 2.10 8.74 -32.69
C PHE A 248 3.61 8.46 -32.59
N THR A 249 4.35 8.76 -33.67
CA THR A 249 5.78 8.44 -33.70
C THR A 249 6.66 9.68 -33.83
N ARG A 250 6.13 10.77 -34.37
CA ARG A 250 7.03 11.88 -34.63
C ARG A 250 7.66 12.40 -33.33
N LYS A 251 6.82 12.75 -32.35
CA LYS A 251 7.27 13.06 -30.98
C LYS A 251 8.09 14.33 -30.79
N ALA A 252 9.18 14.21 -30.03
CA ALA A 252 9.86 15.37 -29.43
C ALA A 252 10.22 16.55 -30.36
N ARG A 253 10.68 16.22 -31.56
CA ARG A 253 11.12 17.23 -32.46
C ARG A 253 10.06 17.60 -33.48
N ALA A 254 8.81 17.19 -33.28
CA ALA A 254 7.73 17.58 -34.22
C ALA A 254 7.68 19.06 -34.66
N ARG A 255 7.92 20.00 -33.75
CA ARG A 255 7.87 21.43 -34.15
C ARG A 255 9.06 21.83 -35.04
N GLU A 256 10.28 21.52 -34.63
CA GLU A 256 11.45 21.71 -35.50
C GLU A 256 11.22 21.17 -36.93
N GLN A 257 10.70 19.94 -37.06
CA GLN A 257 10.45 19.34 -38.35
C GLN A 257 9.29 20.00 -39.08
N MET A 258 8.13 20.05 -38.44
CA MET A 258 6.93 20.39 -39.18
C MET A 258 6.73 21.89 -39.40
N PHE A 259 7.19 22.72 -38.45
CA PHE A 259 7.17 24.20 -38.63
C PHE A 259 8.40 24.75 -39.42
N GLY A 260 9.59 24.36 -39.00
CA GLY A 260 10.82 24.56 -39.77
C GLY A 260 10.78 24.17 -41.25
N GLY A 261 10.10 23.08 -41.57
CA GLY A 261 9.98 22.63 -42.95
C GLY A 261 8.74 23.21 -43.59
N ASN A 262 8.17 24.23 -42.95
CA ASN A 262 6.90 24.81 -43.40
C ASN A 262 5.88 23.75 -43.82
N LEU A 263 5.62 22.79 -42.92
CA LEU A 263 4.55 21.81 -43.14
C LEU A 263 3.33 21.90 -42.20
N GLY A 264 3.53 22.34 -40.96
CA GLY A 264 2.47 22.29 -39.92
C GLY A 264 1.63 23.56 -39.73
N GLY A 265 0.30 23.43 -39.72
CA GLY A 265 -0.61 24.61 -39.57
C GLY A 265 -1.19 24.97 -38.19
N PHE A 266 -1.20 24.00 -37.26
CA PHE A 266 -2.03 24.05 -36.05
C PHE A 266 -1.50 23.08 -35.00
N THR A 267 -1.46 23.50 -33.74
CA THR A 267 -1.02 22.64 -32.63
C THR A 267 -1.61 23.08 -31.29
N HIS A 268 -1.34 22.27 -30.27
CA HIS A 268 -1.79 22.50 -28.90
C HIS A 268 -0.53 22.21 -28.09
N ASP A 269 0.12 23.27 -27.61
CA ASP A 269 1.37 23.08 -26.95
C ASP A 269 1.51 24.22 -25.97
N TRP A 270 2.63 24.25 -25.26
CA TRP A 270 2.96 25.30 -24.30
C TRP A 270 3.23 26.69 -24.91
N PHE A 271 2.80 27.73 -24.18
CA PHE A 271 2.92 29.09 -24.64
C PHE A 271 4.36 29.60 -24.82
N ALA A 272 5.25 29.38 -23.86
CA ALA A 272 6.53 30.02 -23.98
C ALA A 272 7.29 29.42 -25.18
N SER A 273 7.44 28.10 -25.19
CA SER A 273 8.27 27.46 -26.23
C SER A 273 7.61 27.53 -27.62
N THR A 274 6.30 27.31 -27.70
CA THR A 274 5.70 27.33 -29.02
C THR A 274 5.87 28.71 -29.70
N MET A 275 5.75 29.78 -28.91
CA MET A 275 5.82 31.13 -29.43
C MET A 275 7.23 31.61 -29.76
N THR A 276 8.27 30.98 -29.21
CA THR A 276 9.64 31.29 -29.63
C THR A 276 9.92 30.92 -31.10
N PHE A 277 9.17 29.98 -31.68
CA PHE A 277 9.40 29.64 -33.11
C PHE A 277 9.19 30.83 -34.05
N ASN A 278 8.40 31.83 -33.64
CA ASN A 278 8.24 33.07 -34.46
C ASN A 278 9.59 33.78 -34.69
N GLU A 279 10.39 33.92 -33.63
CA GLU A 279 11.71 34.55 -33.73
C GLU A 279 12.67 33.57 -34.38
N GLY A 280 12.65 32.33 -33.88
CA GLY A 280 13.61 31.27 -34.23
C GLY A 280 13.64 30.87 -35.71
N LEU A 281 12.44 30.83 -36.32
CA LEU A 281 12.32 30.41 -37.70
C LEU A 281 12.17 31.57 -38.67
N ALA A 282 12.44 32.79 -38.20
CA ALA A 282 12.28 33.98 -39.02
C ALA A 282 13.17 34.00 -40.27
N LYS A 283 14.41 33.54 -40.15
CA LYS A 283 15.33 33.47 -41.31
C LYS A 283 14.93 32.36 -42.29
N THR A 284 14.64 31.18 -41.76
CA THR A 284 14.48 29.96 -42.55
C THR A 284 13.10 29.76 -43.17
N VAL A 285 12.05 30.32 -42.56
CA VAL A 285 10.70 30.27 -43.13
C VAL A 285 10.11 31.69 -43.17
N PRO A 286 10.25 32.38 -44.32
CA PRO A 286 9.85 33.77 -44.50
C PRO A 286 8.43 34.02 -44.03
N GLY A 287 8.28 34.94 -43.07
CA GLY A 287 6.97 35.30 -42.54
C GLY A 287 6.22 34.24 -41.75
N PHE A 288 6.91 33.21 -41.26
CA PHE A 288 6.28 32.24 -40.36
C PHE A 288 5.64 32.99 -39.17
N LYS A 289 4.34 32.82 -38.98
CA LYS A 289 3.73 33.44 -37.78
C LYS A 289 2.67 32.59 -37.13
N LEU A 290 2.99 32.10 -35.93
CA LEU A 290 1.99 31.51 -35.08
C LEU A 290 1.27 32.51 -34.18
N ILE A 291 -0.06 32.38 -34.11
CA ILE A 291 -0.84 33.16 -33.16
C ILE A 291 -1.49 32.24 -32.15
N PRO A 292 -1.52 32.68 -30.88
CA PRO A 292 -2.34 31.99 -29.91
C PRO A 292 -3.81 32.23 -30.28
N ILE A 293 -4.66 31.20 -30.27
CA ILE A 293 -6.09 31.48 -30.44
C ILE A 293 -6.85 30.94 -29.27
N ALA A 294 -7.95 31.57 -28.93
CA ALA A 294 -8.81 31.02 -27.92
C ALA A 294 -9.31 29.69 -28.50
N PRO A 295 -9.54 28.68 -27.63
CA PRO A 295 -10.05 27.40 -28.06
C PRO A 295 -11.31 27.60 -28.89
N PRO A 296 -11.31 27.16 -30.16
CA PRO A 296 -12.56 27.29 -30.92
C PRO A 296 -13.74 26.65 -30.14
N THR A 297 -14.91 27.28 -30.16
CA THR A 297 -16.07 26.77 -29.44
C THR A 297 -16.36 25.32 -29.83
N ASN A 298 -16.66 24.46 -28.85
CA ASN A 298 -16.89 23.06 -29.16
C ASN A 298 -18.33 22.79 -29.54
N SER A 299 -18.63 21.55 -29.93
CA SER A 299 -19.99 21.20 -30.34
C SER A 299 -21.04 21.40 -29.22
N LYS A 300 -20.58 21.57 -27.98
CA LYS A 300 -21.51 21.80 -26.85
C LYS A 300 -21.63 23.26 -26.50
N GLY A 301 -21.02 24.09 -27.33
CA GLY A 301 -21.15 25.52 -27.19
C GLY A 301 -20.22 26.12 -26.16
N GLN A 302 -19.10 25.47 -25.85
CA GLN A 302 -18.12 26.00 -24.88
C GLN A 302 -16.70 25.97 -25.40
N ARG A 303 -15.90 26.88 -24.88
CA ARG A 303 -14.48 26.98 -25.16
C ARG A 303 -13.64 26.33 -24.06
N TRP A 304 -13.08 25.16 -24.36
CA TRP A 304 -12.35 24.37 -23.40
C TRP A 304 -10.85 24.46 -23.58
N GLU A 305 -10.13 24.90 -22.54
CA GLU A 305 -8.73 24.52 -22.40
C GLU A 305 -8.66 23.51 -21.24
N GLU A 306 -8.55 22.22 -21.59
CA GLU A 306 -8.52 21.14 -20.61
C GLU A 306 -7.22 21.14 -19.75
N ASP A 307 -6.15 21.74 -20.27
CA ASP A 307 -4.83 21.63 -19.66
C ASP A 307 -4.60 22.77 -18.67
N SER A 308 -3.86 22.50 -17.59
CA SER A 308 -3.42 23.57 -16.67
C SER A 308 -2.11 23.16 -16.04
N ARG A 309 -1.38 24.14 -15.50
CA ARG A 309 -0.14 23.82 -14.83
C ARG A 309 -0.49 23.19 -13.48
N GLN A 310 0.22 22.12 -13.12
CA GLN A 310 -0.07 21.36 -11.91
C GLN A 310 0.60 22.01 -10.73
N LYS A 311 0.03 21.82 -9.53
CA LYS A 311 0.67 22.24 -8.29
C LYS A 311 1.88 21.39 -7.92
N VAL A 312 1.83 20.11 -8.31
CA VAL A 312 2.95 19.18 -8.15
C VAL A 312 2.84 18.11 -9.23
N ARG A 313 3.94 17.80 -9.89
CA ARG A 313 3.97 16.78 -10.93
C ARG A 313 4.40 15.42 -10.36
N PRO A 314 3.96 14.29 -10.99
CA PRO A 314 4.27 12.96 -10.49
C PRO A 314 5.71 12.54 -10.83
N ASP A 315 6.65 13.45 -10.63
CA ASP A 315 8.06 13.21 -10.96
C ASP A 315 8.91 13.61 -9.78
N GLY A 316 10.11 13.04 -9.69
CA GLY A 316 11.05 13.50 -8.70
C GLY A 316 12.09 12.48 -8.39
N TRP A 317 12.60 12.50 -7.15
CA TRP A 317 13.58 11.47 -6.77
C TRP A 317 13.41 10.97 -5.35
N ALA A 318 13.92 9.75 -5.12
CA ALA A 318 13.75 9.04 -3.84
C ALA A 318 15.07 8.49 -3.35
N ILE A 319 15.09 8.07 -2.08
CA ILE A 319 16.26 7.49 -1.47
C ILE A 319 16.02 6.01 -1.31
N THR A 320 16.89 5.19 -1.92
CA THR A 320 16.67 3.74 -1.89
C THR A 320 17.04 3.20 -0.52
N VAL A 321 16.61 1.97 -0.23
CA VAL A 321 17.07 1.21 0.92
C VAL A 321 18.61 1.01 0.97
N LYS A 322 19.29 1.01 -0.18
CA LYS A 322 20.75 0.76 -0.24
C LYS A 322 21.60 1.95 0.16
N ASN A 323 20.98 3.12 0.23
CA ASN A 323 21.70 4.35 0.55
C ASN A 323 22.24 4.31 1.97
N LYS A 324 23.56 4.22 2.08
CA LYS A 324 24.23 4.22 3.39
C LYS A 324 24.39 5.67 3.94
N ASN A 325 23.98 6.66 3.15
CA ASN A 325 24.09 8.04 3.58
C ASN A 325 22.80 8.78 3.42
N PRO A 326 21.76 8.31 4.15
CA PRO A 326 20.44 8.87 4.10
C PRO A 326 20.44 10.35 4.48
N VAL A 327 21.30 10.74 5.42
CA VAL A 327 21.26 12.10 5.99
C VAL A 327 21.86 13.11 5.00
N GLU A 328 23.05 12.79 4.48
CA GLU A 328 23.65 13.60 3.41
C GLU A 328 22.75 13.76 2.20
N THR A 329 22.00 12.71 1.87
CA THR A 329 21.13 12.68 0.69
C THR A 329 19.94 13.63 0.83
N ILE A 330 19.20 13.53 1.94
CA ILE A 330 18.11 14.46 2.20
C ILE A 330 18.57 15.92 2.20
N LYS A 331 19.78 16.17 2.73
CA LYS A 331 20.38 17.52 2.67
C LYS A 331 20.71 17.89 1.23
N PHE A 332 21.12 16.89 0.43
CA PHE A 332 21.35 17.12 -0.99
C PHE A 332 20.03 17.50 -1.72
N PHE A 333 18.95 16.78 -1.43
CA PHE A 333 17.62 17.13 -1.97
C PHE A 333 17.19 18.53 -1.51
N ASP A 334 17.57 18.89 -0.27
CA ASP A 334 17.16 20.19 0.33
C ASP A 334 17.78 21.35 -0.40
N PHE A 335 18.98 21.15 -0.91
CA PHE A 335 19.63 22.12 -1.74
C PHE A 335 18.68 22.65 -2.84
N TYR A 336 18.02 21.77 -3.56
CA TYR A 336 17.17 22.20 -4.70
C TYR A 336 15.87 22.94 -4.35
N PHE A 337 15.62 23.09 -3.05
CA PHE A 337 14.43 23.81 -2.50
C PHE A 337 14.88 25.14 -1.88
N SER A 338 16.18 25.35 -1.82
CA SER A 338 16.80 26.60 -1.38
C SER A 338 17.10 27.50 -2.60
N ARG A 339 17.28 28.79 -2.37
CA ARG A 339 17.54 29.79 -3.42
C ARG A 339 18.68 29.42 -4.35
N PRO A 340 19.88 29.11 -3.81
CA PRO A 340 20.95 28.74 -4.77
C PRO A 340 20.68 27.43 -5.60
N GLY A 341 19.98 26.46 -5.01
CA GLY A 341 19.61 25.21 -5.69
C GLY A 341 18.53 25.40 -6.73
N ARG A 342 17.52 26.20 -6.40
CA ARG A 342 16.54 26.62 -7.41
C ARG A 342 17.21 27.45 -8.53
N ASP A 343 18.29 28.16 -8.21
CA ASP A 343 19.01 28.92 -9.22
C ASP A 343 19.60 28.02 -10.31
N ILE A 344 20.33 26.99 -9.92
CA ILE A 344 21.03 26.20 -10.94
C ILE A 344 20.05 25.26 -11.63
N SER A 345 19.08 24.75 -10.88
CA SER A 345 18.16 23.76 -11.46
C SER A 345 17.13 24.43 -12.40
N ASN A 346 16.95 25.76 -12.25
CA ASN A 346 16.05 26.49 -13.13
C ASN A 346 16.79 27.32 -14.18
N PHE A 347 18.01 27.78 -13.84
CA PHE A 347 18.69 28.77 -14.68
C PHE A 347 19.98 28.28 -15.37
N GLY A 348 20.52 27.14 -14.93
CA GLY A 348 21.79 26.61 -15.47
C GLY A 348 23.01 26.90 -14.59
N VAL A 349 24.05 27.49 -15.17
CA VAL A 349 25.32 27.75 -14.43
C VAL A 349 25.67 29.24 -14.40
N PRO A 350 25.94 29.80 -13.19
CA PRO A 350 26.27 31.22 -13.06
C PRO A 350 27.51 31.58 -13.88
N GLY A 351 27.45 32.67 -14.63
CA GLY A 351 28.55 33.04 -15.51
C GLY A 351 28.47 32.31 -16.84
N VAL A 352 27.64 31.28 -16.95
CA VAL A 352 27.51 30.63 -18.23
C VAL A 352 26.17 30.92 -18.91
N THR A 353 25.07 30.66 -18.22
CA THR A 353 23.75 30.83 -18.82
C THR A 353 23.01 31.95 -18.13
N TYR A 354 23.50 32.35 -16.94
CA TYR A 354 22.89 33.41 -16.17
C TYR A 354 23.90 34.13 -15.26
N ASP A 355 23.50 35.30 -14.76
CA ASP A 355 24.22 35.99 -13.66
C ASP A 355 23.23 36.52 -12.63
N ILE A 356 23.68 36.69 -11.40
CA ILE A 356 22.84 37.31 -10.39
C ILE A 356 22.86 38.82 -10.61
N LYS A 357 21.68 39.40 -10.78
CA LYS A 357 21.52 40.85 -10.94
C LYS A 357 20.30 41.35 -10.17
N ASN A 358 20.51 42.35 -9.32
CA ASN A 358 19.43 42.88 -8.44
C ASN A 358 18.81 41.77 -7.55
N GLY A 359 19.71 40.96 -7.00
CA GLY A 359 19.36 39.84 -6.13
C GLY A 359 18.67 38.65 -6.80
N LYS A 360 18.68 38.59 -8.13
CA LYS A 360 18.05 37.46 -8.80
C LYS A 360 18.79 36.97 -10.05
N ALA A 361 18.49 35.73 -10.41
CA ALA A 361 19.07 35.10 -11.60
C ALA A 361 18.47 35.71 -12.89
N VAL A 362 19.36 36.14 -13.76
CA VAL A 362 18.97 36.76 -15.02
C VAL A 362 19.69 36.05 -16.17
N PHE A 363 18.96 35.51 -17.12
CA PHE A 363 19.58 34.82 -18.24
C PHE A 363 20.40 35.82 -19.02
N LYS A 364 21.55 35.38 -19.52
CA LYS A 364 22.37 36.16 -20.44
C LYS A 364 21.65 36.36 -21.78
N ASP A 365 21.99 37.48 -22.41
CA ASP A 365 21.59 37.89 -23.76
C ASP A 365 21.63 36.76 -24.80
N SER A 366 22.74 36.02 -24.86
CA SER A 366 22.86 34.88 -25.80
C SER A 366 21.80 33.81 -25.58
N VAL A 367 21.49 33.54 -24.31
CA VAL A 367 20.46 32.57 -23.99
C VAL A 367 19.14 33.12 -24.49
N LEU A 368 18.90 34.42 -24.29
CA LEU A 368 17.56 35.02 -24.60
C LEU A 368 17.28 35.21 -26.09
N LYS A 369 18.34 35.47 -26.86
CA LYS A 369 18.22 35.73 -28.29
C LYS A 369 18.27 34.45 -29.10
N SER A 370 18.73 33.36 -28.47
CA SER A 370 18.90 32.06 -29.11
C SER A 370 17.60 31.50 -29.70
N PRO A 371 17.67 30.89 -30.91
CA PRO A 371 16.46 30.41 -31.60
C PRO A 371 15.80 29.19 -30.93
N GLN A 372 16.58 28.47 -30.12
CA GLN A 372 16.12 27.30 -29.38
C GLN A 372 15.30 27.73 -28.16
N PRO A 373 14.16 27.05 -27.88
CA PRO A 373 13.46 27.43 -26.65
C PRO A 373 14.41 27.33 -25.47
N VAL A 374 14.33 28.27 -24.53
CA VAL A 374 15.25 28.27 -23.39
C VAL A 374 15.14 27.00 -22.55
N ASN A 375 13.95 26.41 -22.43
CA ASN A 375 13.92 25.20 -21.65
C ASN A 375 14.72 24.09 -22.36
N ASN A 376 14.59 23.96 -23.67
CA ASN A 376 15.41 23.01 -24.45
C ASN A 376 16.90 23.24 -24.22
N GLN A 377 17.32 24.51 -24.14
CA GLN A 377 18.73 24.79 -23.84
C GLN A 377 19.08 24.25 -22.48
N LEU A 378 18.18 24.42 -21.53
CA LEU A 378 18.48 23.99 -20.17
C LEU A 378 18.50 22.47 -20.07
N TYR A 379 17.60 21.80 -20.77
CA TYR A 379 17.63 20.32 -20.73
C TYR A 379 19.04 19.84 -21.12
N ASP A 380 19.62 20.48 -22.15
CA ASP A 380 20.85 19.99 -22.77
C ASP A 380 22.01 20.09 -21.77
N MET A 381 21.80 20.90 -20.72
CA MET A 381 22.85 21.09 -19.71
C MET A 381 22.49 20.65 -18.30
N GLY A 382 21.36 19.97 -18.12
CA GLY A 382 21.06 19.38 -16.81
C GLY A 382 20.07 20.14 -15.95
N ALA A 383 19.30 21.02 -16.56
CA ALA A 383 18.41 21.93 -15.82
C ALA A 383 17.01 21.83 -16.40
N GLN A 384 16.02 22.27 -15.66
CA GLN A 384 14.61 21.94 -15.96
C GLN A 384 14.32 20.44 -16.23
N ILE A 385 15.06 19.57 -15.53
CA ILE A 385 14.95 18.13 -15.66
C ILE A 385 14.17 17.62 -14.45
N PRO A 386 13.51 16.44 -14.57
CA PRO A 386 12.55 16.00 -13.55
C PRO A 386 13.15 15.36 -12.30
N ILE A 387 14.08 16.05 -11.65
CA ILE A 387 14.46 15.69 -10.29
C ILE A 387 13.52 16.41 -9.36
N GLY A 388 13.69 16.19 -8.06
CA GLY A 388 12.98 16.97 -7.03
C GLY A 388 13.56 18.36 -6.95
N PHE A 389 12.77 19.33 -7.40
CA PHE A 389 13.18 20.72 -7.34
C PHE A 389 11.96 21.60 -7.39
N TRP A 390 12.13 22.81 -6.90
CA TRP A 390 11.08 23.76 -6.86
C TRP A 390 11.25 24.73 -8.05
N GLN A 391 10.46 24.51 -9.09
CA GLN A 391 10.49 25.39 -10.29
C GLN A 391 10.19 26.84 -9.94
N ASP A 392 10.87 27.76 -10.65
CA ASP A 392 10.74 29.22 -10.47
C ASP A 392 10.23 29.78 -11.78
N TYR A 393 8.99 30.29 -11.82
CA TYR A 393 8.39 30.77 -13.07
C TYR A 393 9.05 32.00 -13.62
N ASP A 394 9.81 32.74 -12.81
CA ASP A 394 10.58 33.83 -13.38
C ASP A 394 11.59 33.36 -14.43
N TYR A 395 12.03 32.11 -14.37
CA TYR A 395 12.91 31.59 -15.43
C TYR A 395 12.12 31.65 -16.74
N GLU A 396 10.86 31.21 -16.68
CA GLU A 396 9.98 31.17 -17.85
C GLU A 396 9.57 32.57 -18.33
N ARG A 397 9.20 33.44 -17.38
CA ARG A 397 8.75 34.78 -17.74
C ARG A 397 9.78 35.50 -18.65
N GLN A 398 11.06 35.41 -18.29
CA GLN A 398 12.18 36.02 -19.00
C GLN A 398 12.30 35.67 -20.50
N TRP A 399 11.77 34.53 -20.94
CA TRP A 399 11.77 34.18 -22.38
C TRP A 399 10.38 33.98 -22.96
N THR A 400 9.37 34.34 -22.17
CA THR A 400 8.02 34.50 -22.68
C THR A 400 7.98 35.79 -23.51
N THR A 401 7.76 35.65 -24.81
CA THR A 401 7.66 36.86 -25.61
C THR A 401 6.40 37.69 -25.21
N PRO A 402 6.38 38.99 -25.52
CA PRO A 402 5.18 39.81 -25.32
C PRO A 402 3.95 39.23 -26.04
N GLU A 403 4.14 38.68 -27.25
CA GLU A 403 3.07 37.96 -27.96
C GLU A 403 2.61 36.71 -27.24
N ALA A 404 3.54 35.96 -26.65
CA ALA A 404 3.17 34.81 -25.84
C ALA A 404 2.36 35.28 -24.59
N GLN A 405 2.80 36.37 -23.97
CA GLN A 405 2.11 36.94 -22.83
C GLN A 405 0.66 37.43 -23.17
N ALA A 406 0.48 38.01 -24.34
CA ALA A 406 -0.88 38.43 -24.75
C ALA A 406 -1.79 37.22 -24.82
N GLY A 407 -1.27 36.11 -25.38
CA GLY A 407 -2.02 34.87 -25.50
C GLY A 407 -2.43 34.30 -24.14
N ILE A 408 -1.47 34.27 -23.19
CA ILE A 408 -1.74 33.83 -21.83
C ILE A 408 -2.84 34.66 -21.17
N ASP A 409 -2.69 35.99 -21.21
CA ASP A 409 -3.66 36.94 -20.65
C ASP A 409 -5.06 36.71 -21.26
N MET A 410 -5.11 36.46 -22.57
CA MET A 410 -6.35 36.04 -23.20
C MET A 410 -6.92 34.75 -22.54
N TYR A 411 -6.06 33.77 -22.28
CA TYR A 411 -6.52 32.53 -21.67
C TYR A 411 -7.01 32.77 -20.22
N VAL A 412 -6.29 33.63 -19.48
CA VAL A 412 -6.62 33.95 -18.11
C VAL A 412 -7.90 34.76 -18.05
N LYS A 413 -8.06 35.74 -18.91
CA LYS A 413 -9.27 36.57 -18.89
C LYS A 413 -10.52 35.77 -19.31
N GLY A 414 -10.39 34.97 -20.38
CA GLY A 414 -11.50 34.23 -20.96
C GLY A 414 -11.97 33.08 -20.10
N LYS A 415 -11.19 32.76 -19.07
CA LYS A 415 -11.48 31.68 -18.13
C LYS A 415 -11.66 30.35 -18.85
N TYR A 416 -10.88 30.12 -19.89
CA TYR A 416 -10.97 28.86 -20.65
C TYR A 416 -10.43 27.60 -19.94
N VAL A 417 -9.52 27.82 -19.00
CA VAL A 417 -8.80 26.69 -18.38
C VAL A 417 -9.72 25.95 -17.45
N MET A 418 -9.96 24.67 -17.70
CA MET A 418 -10.81 23.87 -16.80
C MET A 418 -10.11 23.56 -15.47
N PRO A 419 -10.88 23.58 -14.37
CA PRO A 419 -10.27 23.20 -13.08
C PRO A 419 -9.68 21.78 -13.17
N GLY A 420 -8.43 21.61 -12.70
CA GLY A 420 -7.78 20.30 -12.76
C GLY A 420 -8.22 19.33 -11.66
N PHE A 421 -8.19 18.03 -11.94
CA PHE A 421 -8.41 17.03 -10.89
C PHE A 421 -7.18 16.98 -10.01
N GLU A 422 -7.34 17.04 -8.68
CA GLU A 422 -6.16 17.14 -7.80
C GLU A 422 -5.71 15.86 -7.11
N GLY A 423 -6.40 14.76 -7.42
CA GLY A 423 -6.11 13.46 -6.84
C GLY A 423 -7.04 13.18 -5.67
N VAL A 424 -7.02 11.94 -5.20
CA VAL A 424 -7.80 11.52 -4.01
C VAL A 424 -6.80 10.92 -3.04
N ASN A 425 -7.20 10.84 -1.77
CA ASN A 425 -6.35 10.23 -0.76
C ASN A 425 -6.93 8.88 -0.37
N MET A 426 -6.40 7.85 -1.01
CA MET A 426 -6.81 6.48 -0.77
C MET A 426 -6.15 5.84 0.44
N THR A 427 -6.86 4.93 1.10
CA THR A 427 -6.30 4.10 2.15
C THR A 427 -5.36 3.08 1.51
N ARG A 428 -4.72 2.26 2.36
CA ARG A 428 -3.80 1.26 1.84
C ARG A 428 -4.50 0.28 0.89
N GLU A 429 -5.65 -0.20 1.32
CA GLU A 429 -6.42 -1.17 0.55
C GLU A 429 -6.96 -0.57 -0.73
N GLU A 430 -7.42 0.69 -0.68
CA GLU A 430 -7.96 1.31 -1.89
C GLU A 430 -6.82 1.46 -2.91
N ARG A 431 -5.69 2.02 -2.46
CA ARG A 431 -4.56 2.32 -3.32
C ARG A 431 -3.94 1.03 -3.90
N ALA A 432 -4.04 -0.07 -3.14
CA ALA A 432 -3.62 -1.37 -3.67
C ALA A 432 -4.41 -1.79 -4.93
N ILE A 433 -5.71 -1.52 -4.97
CA ILE A 433 -6.52 -1.84 -6.16
C ILE A 433 -6.10 -0.98 -7.36
N TYR A 434 -5.92 0.31 -7.09
CA TYR A 434 -5.47 1.28 -8.07
C TYR A 434 -4.13 0.84 -8.68
N ASP A 435 -3.18 0.48 -7.82
CA ASP A 435 -1.89 -0.07 -8.22
C ASP A 435 -1.97 -1.41 -8.95
N LYS A 436 -2.80 -2.32 -8.48
CA LYS A 436 -2.95 -3.57 -9.21
C LYS A 436 -3.42 -3.36 -10.67
N TYR A 437 -4.38 -2.48 -10.91
CA TYR A 437 -5.02 -2.41 -12.22
C TYR A 437 -4.67 -1.28 -13.20
N TRP A 438 -4.33 -0.10 -12.67
CA TRP A 438 -4.48 1.12 -13.43
C TRP A 438 -3.50 1.22 -14.61
N ALA A 439 -2.21 0.99 -14.32
CA ALA A 439 -1.18 0.87 -15.35
C ALA A 439 -1.65 0.05 -16.56
N ASP A 440 -2.13 -1.18 -16.29
CA ASP A 440 -2.58 -2.10 -17.35
C ASP A 440 -3.76 -1.47 -18.11
N VAL A 441 -4.75 -1.01 -17.36
CA VAL A 441 -5.97 -0.46 -17.92
C VAL A 441 -5.60 0.64 -18.90
N ARG A 442 -4.68 1.50 -18.48
CA ARG A 442 -4.32 2.71 -19.19
C ARG A 442 -3.62 2.36 -20.51
N THR A 443 -2.69 1.40 -20.47
CA THR A 443 -1.97 0.97 -21.66
C THR A 443 -2.94 0.36 -22.66
N TYR A 444 -3.92 -0.37 -22.15
CA TYR A 444 -4.94 -0.87 -23.05
C TYR A 444 -5.73 0.28 -23.68
N MET A 445 -6.08 1.29 -22.87
CA MET A 445 -6.84 2.41 -23.40
C MET A 445 -6.08 3.10 -24.52
N TYR A 446 -4.81 3.35 -24.29
CA TYR A 446 -3.96 4.03 -25.25
C TYR A 446 -3.85 3.25 -26.58
N GLU A 447 -3.66 1.93 -26.48
CA GLU A 447 -3.61 1.02 -27.64
C GLU A 447 -4.96 0.99 -28.37
N MET A 448 -6.05 1.02 -27.63
CA MET A 448 -7.34 1.11 -28.29
C MET A 448 -7.50 2.42 -29.04
N GLY A 449 -7.09 3.51 -28.40
CA GLY A 449 -7.28 4.86 -28.92
C GLY A 449 -6.49 5.02 -30.21
N GLN A 450 -5.23 4.63 -30.15
CA GLN A 450 -4.38 4.49 -31.33
C GLN A 450 -5.11 3.76 -32.48
N ALA A 451 -5.73 2.61 -32.17
CA ALA A 451 -6.42 1.79 -33.18
C ALA A 451 -7.60 2.52 -33.78
N TRP A 452 -8.31 3.27 -32.96
CA TRP A 452 -9.44 4.03 -33.44
C TRP A 452 -8.97 5.15 -34.32
N VAL A 453 -7.97 5.90 -33.87
CA VAL A 453 -7.45 7.05 -34.59
C VAL A 453 -6.95 6.65 -35.98
N MET A 454 -6.17 5.58 -36.07
CA MET A 454 -5.57 5.18 -37.34
C MET A 454 -6.54 4.41 -38.25
N GLY A 455 -7.69 4.01 -37.69
CA GLY A 455 -8.73 3.29 -38.45
C GLY A 455 -8.56 1.78 -38.42
N THR A 456 -7.57 1.27 -37.68
CA THR A 456 -7.40 -0.18 -37.47
C THR A 456 -8.69 -0.82 -36.94
N LYS A 457 -9.38 -0.12 -36.04
CA LYS A 457 -10.62 -0.62 -35.47
C LYS A 457 -11.68 0.44 -35.59
N ASP A 458 -12.90 0.00 -35.90
CA ASP A 458 -14.07 0.84 -35.99
C ASP A 458 -14.69 1.06 -34.59
N VAL A 459 -14.74 2.32 -34.17
CA VAL A 459 -15.16 2.72 -32.83
C VAL A 459 -16.47 2.05 -32.44
N ASP A 460 -17.47 2.15 -33.30
CA ASP A 460 -18.79 1.58 -33.04
C ASP A 460 -18.83 0.05 -32.91
N LYS A 461 -18.22 -0.66 -33.84
CA LYS A 461 -18.20 -2.12 -33.81
C LYS A 461 -17.37 -2.63 -32.65
N THR A 462 -16.49 -1.80 -32.09
CA THR A 462 -15.69 -2.28 -30.98
C THR A 462 -15.95 -1.62 -29.64
N TRP A 463 -16.92 -0.73 -29.54
CA TRP A 463 -17.08 -0.01 -28.27
C TRP A 463 -17.49 -0.98 -27.16
N ASP A 464 -18.37 -1.93 -27.50
CA ASP A 464 -18.87 -2.84 -26.46
C ASP A 464 -17.82 -3.80 -25.93
N GLU A 465 -17.03 -4.40 -26.80
CA GLU A 465 -15.95 -5.26 -26.31
C GLU A 465 -14.95 -4.42 -25.51
N TYR A 466 -14.81 -3.16 -25.89
CA TYR A 466 -13.97 -2.22 -25.17
C TYR A 466 -14.49 -2.06 -23.73
N GLN A 467 -15.78 -1.77 -23.56
CA GLN A 467 -16.37 -1.65 -22.22
C GLN A 467 -16.16 -2.93 -21.38
N ARG A 468 -16.42 -4.07 -22.02
CA ARG A 468 -16.22 -5.40 -21.43
C ARG A 468 -14.79 -5.52 -20.90
N GLN A 469 -13.84 -5.12 -21.74
CA GLN A 469 -12.43 -5.22 -21.39
C GLN A 469 -12.07 -4.34 -20.20
N LEU A 470 -12.64 -3.13 -20.16
CA LEU A 470 -12.34 -2.17 -19.08
C LEU A 470 -12.83 -2.78 -17.77
N LYS A 471 -13.95 -3.49 -17.85
CA LYS A 471 -14.54 -4.12 -16.68
C LYS A 471 -13.67 -5.25 -16.15
N LEU A 472 -13.29 -6.19 -17.00
CA LEU A 472 -12.45 -7.29 -16.50
C LEU A 472 -10.98 -6.90 -16.27
N ARG A 473 -10.54 -5.78 -16.83
CA ARG A 473 -9.22 -5.22 -16.48
C ARG A 473 -9.20 -4.35 -15.21
N GLY A 474 -10.33 -4.31 -14.51
CA GLY A 474 -10.41 -3.77 -13.16
C GLY A 474 -10.69 -2.29 -13.02
N LEU A 475 -10.97 -1.61 -14.13
CA LEU A 475 -11.23 -0.19 -14.18
C LEU A 475 -12.36 0.23 -13.22
N TYR A 476 -13.50 -0.45 -13.31
CA TYR A 476 -14.66 -0.10 -12.47
C TYR A 476 -14.41 -0.39 -10.98
N GLN A 477 -13.61 -1.42 -10.71
CA GLN A 477 -13.09 -1.70 -9.35
C GLN A 477 -12.15 -0.54 -8.85
N VAL A 478 -11.25 -0.08 -9.72
CA VAL A 478 -10.50 1.19 -9.45
C VAL A 478 -11.36 2.41 -9.14
N LEU A 479 -12.41 2.65 -9.94
CA LEU A 479 -13.27 3.83 -9.80
C LEU A 479 -14.08 3.85 -8.49
N GLN A 480 -14.57 2.66 -8.14
CA GLN A 480 -15.25 2.43 -6.89
C GLN A 480 -14.32 2.75 -5.69
N MET A 481 -13.06 2.32 -5.75
CA MET A 481 -12.13 2.64 -4.65
C MET A 481 -11.78 4.12 -4.62
N MET A 482 -11.61 4.72 -5.79
CA MET A 482 -11.46 6.17 -5.91
C MET A 482 -12.68 6.92 -5.38
N GLN A 483 -13.88 6.38 -5.65
CA GLN A 483 -15.14 7.02 -5.23
C GLN A 483 -15.24 6.99 -3.71
N GLN A 484 -14.76 5.88 -3.13
CA GLN A 484 -14.78 5.70 -1.68
C GLN A 484 -13.89 6.78 -1.03
N ALA A 485 -12.68 6.95 -1.58
CA ALA A 485 -11.72 7.93 -1.08
C ALA A 485 -12.24 9.36 -1.27
N TYR A 486 -12.88 9.60 -2.42
CA TYR A 486 -13.39 10.92 -2.71
C TYR A 486 -14.48 11.27 -1.68
N ASP A 487 -15.44 10.36 -1.51
CA ASP A 487 -16.55 10.57 -0.57
C ASP A 487 -16.08 10.81 0.85
N ARG A 488 -15.03 10.12 1.28
CA ARG A 488 -14.47 10.30 2.63
C ARG A 488 -14.04 11.72 2.83
N GLN A 489 -13.47 12.29 1.78
CA GLN A 489 -12.92 13.61 1.78
C GLN A 489 -13.94 14.74 1.52
N TYR A 490 -14.86 14.55 0.57
CA TYR A 490 -15.69 15.66 0.06
C TYR A 490 -17.20 15.57 0.26
N LYS A 491 -17.71 14.36 0.42
CA LYS A 491 -19.15 14.13 0.38
C LYS A 491 -19.49 12.94 1.26
N LYS B 1 -40.75 -16.77 26.06
CA LYS B 1 -39.58 -16.00 26.49
C LYS B 1 -38.75 -16.86 27.42
N GLU B 2 -37.45 -16.82 27.21
CA GLU B 2 -36.47 -17.46 28.07
C GLU B 2 -35.95 -16.47 29.09
N ALA B 3 -35.41 -16.99 30.20
CA ALA B 3 -34.64 -16.22 31.18
C ALA B 3 -33.53 -15.31 30.58
N THR B 4 -33.04 -15.68 29.40
CA THR B 4 -31.91 -15.01 28.76
C THR B 4 -32.29 -14.03 27.64
N TRP B 5 -33.57 -14.04 27.24
CA TRP B 5 -34.07 -13.09 26.24
C TRP B 5 -33.79 -11.67 26.70
N VAL B 6 -33.29 -10.84 25.78
CA VAL B 6 -32.85 -9.49 26.14
C VAL B 6 -33.76 -8.44 25.48
N THR B 7 -34.80 -8.93 24.84
CA THR B 7 -35.83 -8.10 24.20
C THR B 7 -37.00 -9.04 23.95
N ASP B 8 -38.23 -8.52 24.07
CA ASP B 8 -39.42 -9.31 23.77
C ASP B 8 -39.68 -9.27 22.27
N LYS B 9 -39.38 -8.11 21.69
CA LYS B 9 -39.50 -7.90 20.27
C LYS B 9 -38.21 -8.40 19.63
N PRO B 10 -38.30 -9.38 18.71
CA PRO B 10 -37.08 -9.94 18.11
C PRO B 10 -36.31 -8.83 17.44
N LEU B 11 -35.00 -8.81 17.60
CA LEU B 11 -34.18 -7.72 17.12
C LEU B 11 -33.10 -8.23 16.18
N THR B 12 -33.07 -7.66 14.97
CA THR B 12 -32.11 -8.05 13.95
C THR B 12 -31.00 -6.98 13.86
N LEU B 13 -29.76 -7.41 14.04
CA LEU B 13 -28.64 -6.51 14.04
C LEU B 13 -27.67 -6.89 12.95
N LYS B 14 -27.18 -5.91 12.22
CA LYS B 14 -26.12 -6.15 11.24
C LYS B 14 -24.73 -6.28 11.88
N ILE B 15 -24.07 -7.40 11.61
CA ILE B 15 -22.70 -7.59 12.07
C ILE B 15 -21.68 -7.59 10.91
N HIS B 16 -20.61 -6.80 11.05
CA HIS B 16 -19.44 -7.09 10.25
C HIS B 16 -18.42 -7.90 11.08
N MET B 17 -18.36 -9.20 10.82
CA MET B 17 -17.36 -10.08 11.42
C MET B 17 -16.67 -10.95 10.37
N HIS B 18 -15.44 -10.59 10.05
CA HIS B 18 -14.62 -11.38 9.16
C HIS B 18 -13.41 -11.80 10.00
N PHE B 19 -13.10 -13.10 10.06
CA PHE B 19 -11.99 -13.53 10.94
C PHE B 19 -11.13 -14.59 10.29
N ARG B 20 -9.90 -14.72 10.80
CA ARG B 20 -8.86 -15.67 10.34
C ARG B 20 -8.69 -15.74 8.84
N ASP B 21 -8.95 -14.63 8.15
CA ASP B 21 -8.75 -14.51 6.70
C ASP B 21 -9.66 -15.39 5.83
N LYS B 22 -10.70 -15.97 6.44
CA LYS B 22 -11.49 -16.97 5.75
C LYS B 22 -13.00 -16.89 5.96
N TRP B 23 -13.42 -16.59 7.19
CA TRP B 23 -14.79 -16.86 7.61
C TRP B 23 -15.52 -15.62 8.03
N VAL B 24 -16.85 -15.66 7.89
CA VAL B 24 -17.72 -14.57 8.30
C VAL B 24 -18.78 -15.16 9.23
N TRP B 25 -19.43 -14.30 10.00
CA TRP B 25 -20.53 -14.78 10.81
C TRP B 25 -21.57 -15.42 9.88
N ASP B 26 -21.95 -16.65 10.15
CA ASP B 26 -22.92 -17.27 9.27
C ASP B 26 -24.19 -17.46 10.05
N GLU B 27 -25.25 -16.79 9.63
CA GLU B 27 -26.53 -16.89 10.32
C GLU B 27 -27.18 -18.28 10.32
N ASN B 28 -26.72 -19.15 9.42
CA ASN B 28 -27.18 -20.52 9.45
C ASN B 28 -26.34 -21.47 10.32
N TRP B 29 -25.33 -20.93 10.99
CA TRP B 29 -24.63 -21.70 12.01
C TRP B 29 -25.64 -22.15 13.04
N PRO B 30 -25.57 -23.44 13.43
CA PRO B 30 -26.42 -23.93 14.52
C PRO B 30 -26.29 -23.07 15.80
N VAL B 31 -25.07 -22.73 16.19
CA VAL B 31 -24.84 -21.88 17.36
C VAL B 31 -25.49 -20.49 17.22
N ALA B 32 -25.43 -19.89 16.03
CA ALA B 32 -26.16 -18.65 15.75
C ALA B 32 -27.69 -18.76 15.91
N LYS B 33 -28.28 -19.87 15.48
CA LYS B 33 -29.74 -20.01 15.62
C LYS B 33 -30.09 -20.24 17.08
N GLU B 34 -29.25 -21.00 17.77
CA GLU B 34 -29.37 -21.16 19.21
C GLU B 34 -29.20 -19.81 19.98
N SER B 35 -28.27 -18.97 19.51
CA SER B 35 -28.09 -17.65 20.07
C SER B 35 -29.39 -16.84 19.87
N PHE B 36 -29.99 -16.95 18.68
CA PHE B 36 -31.24 -16.27 18.43
C PHE B 36 -32.30 -16.78 19.40
N ARG B 37 -32.47 -18.09 19.46
CA ARG B 37 -33.46 -18.72 20.32
C ARG B 37 -33.29 -18.32 21.81
N LEU B 38 -32.06 -18.26 22.29
CA LEU B 38 -31.83 -17.93 23.69
C LEU B 38 -31.86 -16.45 24.06
N THR B 39 -31.51 -15.55 23.13
CA THR B 39 -31.43 -14.08 23.39
C THR B 39 -32.52 -13.23 22.73
N ASN B 40 -33.18 -13.81 21.72
CA ASN B 40 -34.06 -13.09 20.80
C ASN B 40 -33.36 -12.05 19.90
N VAL B 41 -32.02 -12.13 19.81
CA VAL B 41 -31.29 -11.27 18.88
C VAL B 41 -30.74 -12.11 17.74
N LYS B 42 -31.11 -11.72 16.52
CA LYS B 42 -30.56 -12.34 15.31
C LYS B 42 -29.49 -11.43 14.69
N LEU B 43 -28.33 -11.98 14.40
CA LEU B 43 -27.27 -11.24 13.69
C LEU B 43 -27.28 -11.56 12.21
N GLN B 44 -27.06 -10.52 11.41
CA GLN B 44 -27.07 -10.63 9.96
C GLN B 44 -25.71 -10.23 9.47
N SER B 45 -25.08 -11.11 8.72
CA SER B 45 -23.72 -10.89 8.26
C SER B 45 -23.74 -9.96 7.06
N VAL B 46 -23.00 -8.86 7.15
CA VAL B 46 -22.83 -7.91 6.03
C VAL B 46 -21.41 -7.85 5.50
N ALA B 47 -20.52 -8.65 6.06
CA ALA B 47 -19.13 -8.65 5.60
C ALA B 47 -19.06 -9.31 4.23
N ASN B 48 -17.91 -9.21 3.58
CA ASN B 48 -17.70 -9.89 2.30
C ASN B 48 -17.17 -11.33 2.48
N LYS B 49 -18.02 -12.28 2.10
CA LYS B 49 -17.77 -13.73 2.22
C LYS B 49 -16.58 -14.25 1.39
N ALA B 50 -16.24 -13.53 0.33
CA ALA B 50 -15.28 -14.01 -0.66
C ALA B 50 -13.85 -13.54 -0.36
N ALA B 51 -13.77 -12.46 0.42
CA ALA B 51 -12.52 -11.80 0.77
C ALA B 51 -11.63 -12.72 1.57
N THR B 52 -10.32 -12.48 1.48
CA THR B 52 -9.35 -13.41 2.05
C THR B 52 -8.35 -12.76 2.99
N ASN B 53 -8.63 -11.53 3.38
CA ASN B 53 -7.83 -10.87 4.38
C ASN B 53 -8.75 -10.12 5.34
N SER B 54 -8.85 -10.62 6.57
CA SER B 54 -9.73 -10.04 7.57
C SER B 54 -9.39 -8.64 7.97
N GLN B 55 -8.12 -8.32 8.17
CA GLN B 55 -7.72 -6.96 8.57
C GLN B 55 -8.09 -5.86 7.52
N GLU B 56 -7.97 -6.21 6.24
CA GLU B 56 -8.29 -5.34 5.14
C GLU B 56 -9.79 -5.04 5.10
N GLN B 57 -10.59 -6.08 5.33
CA GLN B 57 -12.02 -5.95 5.31
C GLN B 57 -12.48 -5.04 6.43
N PHE B 58 -11.82 -5.10 7.56
CA PHE B 58 -12.13 -4.13 8.60
C PHE B 58 -11.78 -2.73 8.08
N ASN B 59 -10.56 -2.56 7.56
CA ASN B 59 -10.10 -1.24 7.04
C ASN B 59 -11.00 -0.64 5.97
N LEU B 60 -11.48 -1.49 5.06
CA LEU B 60 -12.37 -1.09 3.95
C LEU B 60 -13.80 -0.81 4.41
N MET B 61 -14.25 -1.53 5.45
CA MET B 61 -15.52 -1.22 6.08
C MET B 61 -15.43 0.17 6.69
N MET B 62 -14.39 0.39 7.48
CA MET B 62 -14.13 1.71 8.02
C MET B 62 -14.03 2.77 6.91
N ALA B 63 -13.26 2.44 5.87
CA ALA B 63 -12.98 3.36 4.78
C ALA B 63 -14.24 3.78 4.05
N SER B 64 -15.17 2.84 3.91
CA SER B 64 -16.40 3.09 3.22
C SER B 64 -17.30 3.99 4.09
N GLY B 65 -17.14 3.89 5.41
CA GLY B 65 -18.02 4.61 6.34
C GLY B 65 -19.47 4.10 6.37
N ASP B 66 -19.75 3.01 5.66
CA ASP B 66 -21.00 2.30 5.85
C ASP B 66 -20.86 1.33 7.04
N LEU B 67 -21.17 1.79 8.24
CA LEU B 67 -20.99 0.97 9.44
C LEU B 67 -22.21 0.10 9.69
N PRO B 68 -21.99 -1.12 10.19
CA PRO B 68 -23.12 -1.96 10.60
C PRO B 68 -23.47 -1.68 12.09
N ASP B 69 -24.21 -2.58 12.74
CA ASP B 69 -24.51 -2.48 14.20
C ASP B 69 -23.38 -2.98 15.15
N VAL B 70 -22.70 -4.05 14.74
CA VAL B 70 -21.68 -4.70 15.56
C VAL B 70 -20.49 -4.99 14.64
N VAL B 71 -19.28 -4.87 15.16
CA VAL B 71 -18.08 -5.32 14.48
C VAL B 71 -17.32 -6.23 15.42
N GLY B 72 -17.00 -7.43 14.92
CA GLY B 72 -16.25 -8.41 15.69
C GLY B 72 -15.15 -9.07 14.90
N GLY B 73 -14.22 -9.73 15.60
CA GLY B 73 -13.24 -10.49 14.89
C GLY B 73 -11.96 -10.57 15.65
N ASP B 74 -10.97 -11.17 15.03
CA ASP B 74 -9.72 -11.44 15.70
C ASP B 74 -8.72 -10.32 15.42
N ASN B 75 -7.81 -10.09 16.38
CA ASN B 75 -6.78 -9.05 16.27
C ASN B 75 -7.33 -7.68 15.98
N LEU B 76 -8.43 -7.34 16.66
CA LEU B 76 -9.05 -6.05 16.38
C LEU B 76 -8.85 -5.05 17.51
N LYS B 77 -8.11 -5.43 18.54
CA LYS B 77 -8.06 -4.67 19.77
C LYS B 77 -7.66 -3.24 19.47
N ASP B 78 -6.57 -3.11 18.71
CA ASP B 78 -5.92 -1.81 18.47
C ASP B 78 -6.89 -0.95 17.67
N LYS B 79 -7.59 -1.59 16.75
CA LYS B 79 -8.55 -0.89 15.91
C LYS B 79 -9.82 -0.53 16.67
N PHE B 80 -10.26 -1.38 17.60
CA PHE B 80 -11.39 -1.00 18.43
C PHE B 80 -11.06 0.22 19.27
N ILE B 81 -9.85 0.22 19.83
CA ILE B 81 -9.36 1.33 20.62
C ILE B 81 -9.24 2.63 19.82
N GLN B 82 -8.60 2.57 18.64
CA GLN B 82 -8.36 3.76 17.83
C GLN B 82 -9.64 4.38 17.30
N TYR B 83 -10.47 3.57 16.64
CA TYR B 83 -11.72 4.05 16.06
C TYR B 83 -12.79 4.30 17.10
N GLY B 84 -12.63 3.71 18.27
CA GLY B 84 -13.49 4.04 19.41
C GLY B 84 -13.18 5.46 19.88
N GLN B 85 -11.91 5.78 20.03
CA GLN B 85 -11.58 7.13 20.39
C GLN B 85 -11.98 8.12 19.30
N GLU B 86 -11.99 7.68 18.05
CA GLU B 86 -12.46 8.51 16.94
C GLU B 86 -13.99 8.50 16.72
N GLY B 87 -14.73 7.85 17.62
CA GLY B 87 -16.19 7.96 17.62
C GLY B 87 -17.00 6.91 16.88
N ALA B 88 -16.33 5.98 16.19
CA ALA B 88 -17.02 4.98 15.37
C ALA B 88 -17.65 3.84 16.18
N PHE B 89 -17.03 3.49 17.31
CA PHE B 89 -17.64 2.62 18.31
C PHE B 89 -17.91 3.37 19.60
N VAL B 90 -19.04 3.11 20.23
CA VAL B 90 -19.42 3.81 21.47
C VAL B 90 -18.67 3.23 22.65
N PRO B 91 -18.40 4.03 23.71
CA PRO B 91 -17.73 3.42 24.86
C PRO B 91 -18.77 2.58 25.62
N LEU B 92 -18.32 1.59 26.40
CA LEU B 92 -19.28 0.63 26.97
C LEU B 92 -19.37 0.68 28.50
N ASN B 93 -18.48 1.44 29.13
CA ASN B 93 -18.35 1.43 30.60
C ASN B 93 -19.68 1.57 31.31
N LYS B 94 -20.51 2.51 30.89
CA LYS B 94 -21.76 2.78 31.61
C LYS B 94 -22.88 1.85 31.18
N LEU B 95 -22.86 1.43 29.92
CA LEU B 95 -23.72 0.34 29.46
C LEU B 95 -23.55 -0.92 30.31
N ILE B 96 -22.28 -1.28 30.54
CA ILE B 96 -21.87 -2.39 31.38
C ILE B 96 -22.34 -2.20 32.83
N ASP B 97 -22.03 -1.06 33.44
CA ASP B 97 -22.42 -0.84 34.83
C ASP B 97 -23.91 -1.01 35.04
N GLN B 98 -24.68 -0.44 34.14
CA GLN B 98 -26.13 -0.50 34.22
C GLN B 98 -26.67 -1.88 33.84
N TYR B 99 -26.23 -2.41 32.69
CA TYR B 99 -26.99 -3.47 32.01
C TYR B 99 -26.29 -4.81 31.83
N ALA B 100 -25.00 -4.87 32.15
CA ALA B 100 -24.23 -6.10 31.97
C ALA B 100 -23.66 -6.67 33.26
N PRO B 101 -24.53 -7.27 34.11
CA PRO B 101 -24.05 -7.83 35.39
C PRO B 101 -23.02 -8.94 35.25
N HIS B 102 -23.13 -9.79 34.22
CA HIS B 102 -22.13 -10.90 34.06
C HIS B 102 -20.75 -10.38 33.63
N ILE B 103 -20.74 -9.47 32.66
CA ILE B 103 -19.48 -8.79 32.31
C ILE B 103 -18.94 -8.00 33.48
N LYS B 104 -19.82 -7.22 34.12
CA LYS B 104 -19.47 -6.48 35.31
C LYS B 104 -18.80 -7.36 36.36
N ALA B 105 -19.42 -8.48 36.72
CA ALA B 105 -18.82 -9.36 37.76
C ALA B 105 -17.54 -10.05 37.29
N PHE B 106 -17.47 -10.35 35.99
CA PHE B 106 -16.22 -10.86 35.45
C PHE B 106 -15.07 -9.87 35.67
N PHE B 107 -15.29 -8.61 35.26
CA PHE B 107 -14.29 -7.55 35.42
C PHE B 107 -13.91 -7.34 36.89
N LYS B 108 -14.91 -7.27 37.77
CA LYS B 108 -14.65 -7.16 39.20
C LYS B 108 -13.73 -8.26 39.73
N SER B 109 -13.89 -9.50 39.25
CA SER B 109 -12.95 -10.54 39.65
C SER B 109 -11.63 -10.58 38.87
N HIS B 110 -11.59 -9.98 37.68
CA HIS B 110 -10.34 -9.92 36.87
C HIS B 110 -9.95 -8.49 36.47
N PRO B 111 -9.67 -7.63 37.47
CA PRO B 111 -9.41 -6.26 37.08
C PRO B 111 -8.24 -6.14 36.10
N GLU B 112 -7.35 -7.13 36.07
CA GLU B 112 -6.18 -7.09 35.16
C GLU B 112 -6.62 -7.13 33.70
N VAL B 113 -7.68 -7.87 33.45
CA VAL B 113 -8.22 -7.95 32.12
C VAL B 113 -8.92 -6.66 31.72
N GLU B 114 -9.74 -6.09 32.59
CA GLU B 114 -10.40 -4.82 32.31
C GLU B 114 -9.41 -3.74 31.86
N ARG B 115 -8.34 -3.68 32.63
CA ARG B 115 -7.24 -2.79 32.41
C ARG B 115 -6.63 -3.03 31.02
N ALA B 116 -6.40 -4.28 30.62
CA ALA B 116 -5.68 -4.55 29.37
C ALA B 116 -6.50 -4.24 28.13
N ILE B 117 -7.80 -4.01 28.26
CA ILE B 117 -8.60 -3.70 27.08
C ILE B 117 -9.11 -2.26 26.96
N LYS B 118 -8.93 -1.47 28.02
CA LYS B 118 -9.35 -0.05 28.02
C LYS B 118 -8.48 0.78 27.11
N ALA B 119 -9.09 1.81 26.51
CA ALA B 119 -8.35 2.78 25.71
C ALA B 119 -7.68 3.80 26.64
N PRO B 120 -6.74 4.63 26.11
CA PRO B 120 -6.16 5.74 26.87
C PRO B 120 -7.17 6.61 27.63
N ASP B 121 -8.37 6.75 27.07
CA ASP B 121 -9.36 7.61 27.69
C ASP B 121 -10.13 6.91 28.81
N GLY B 122 -9.59 5.79 29.30
CA GLY B 122 -10.27 4.84 30.23
C GLY B 122 -11.55 4.15 29.74
N ASN B 123 -11.82 4.26 28.45
CA ASN B 123 -13.04 3.68 27.91
C ASN B 123 -12.86 2.26 27.37
N ILE B 124 -13.87 1.44 27.63
CA ILE B 124 -14.02 0.09 27.06
C ILE B 124 -14.78 0.18 25.73
N TYR B 125 -14.11 -0.18 24.65
CA TYR B 125 -14.67 -0.06 23.32
C TYR B 125 -15.01 -1.39 22.71
N PHE B 126 -14.66 -2.49 23.39
CA PHE B 126 -15.04 -3.86 22.98
C PHE B 126 -15.14 -4.85 24.13
N ILE B 127 -15.91 -5.91 23.91
CA ILE B 127 -15.97 -7.02 24.85
C ILE B 127 -15.11 -8.13 24.26
N PRO B 128 -14.11 -8.62 25.04
CA PRO B 128 -13.08 -9.48 24.48
C PRO B 128 -13.44 -10.95 24.52
N TYR B 129 -12.69 -11.72 23.73
CA TYR B 129 -12.55 -13.14 23.87
C TYR B 129 -11.52 -13.31 25.01
N VAL B 130 -11.94 -14.00 26.10
CA VAL B 130 -11.14 -14.23 27.30
C VAL B 130 -10.79 -15.72 27.31
N PRO B 131 -9.54 -16.08 26.99
CA PRO B 131 -9.25 -17.51 26.99
C PRO B 131 -9.22 -18.08 28.40
N ASP B 132 -9.02 -19.38 28.49
CA ASP B 132 -9.00 -20.07 29.75
C ASP B 132 -8.03 -21.23 29.54
N GLY B 133 -6.92 -21.25 30.28
CA GLY B 133 -5.99 -22.36 30.28
C GLY B 133 -4.65 -21.80 30.69
N VAL B 134 -3.59 -22.62 30.76
CA VAL B 134 -2.26 -22.08 31.05
C VAL B 134 -1.28 -22.30 29.91
N VAL B 135 -1.18 -23.51 29.37
CA VAL B 135 -0.29 -23.70 28.24
C VAL B 135 -1.02 -23.48 26.93
N ALA B 136 -0.22 -23.10 25.94
CA ALA B 136 -0.67 -22.96 24.58
C ALA B 136 0.03 -24.01 23.71
N ARG B 137 1.06 -23.62 22.95
CA ARG B 137 1.74 -24.58 22.08
C ARG B 137 2.87 -25.36 22.79
N GLY B 138 3.25 -26.48 22.17
CA GLY B 138 4.44 -27.25 22.54
C GLY B 138 4.97 -27.97 21.30
N TYR B 139 6.07 -28.73 21.48
CA TYR B 139 6.78 -29.46 20.41
C TYR B 139 6.26 -30.91 20.35
N PHE B 140 6.00 -31.37 19.13
CA PHE B 140 5.48 -32.73 18.90
C PHE B 140 6.31 -33.33 17.81
N ILE B 141 6.70 -34.57 18.00
CA ILE B 141 7.53 -35.24 17.02
C ILE B 141 6.97 -36.64 16.75
N ARG B 142 7.24 -37.18 15.56
CA ARG B 142 6.77 -38.52 15.17
C ARG B 142 7.56 -39.62 15.89
N GLU B 143 7.00 -40.20 16.94
CA GLU B 143 7.65 -41.33 17.66
C GLU B 143 7.78 -42.57 16.79
N ASP B 144 6.77 -42.80 15.94
CA ASP B 144 6.76 -43.98 15.10
C ASP B 144 7.92 -43.88 14.11
N TRP B 145 8.26 -42.65 13.72
CA TRP B 145 9.43 -42.40 12.90
C TRP B 145 10.72 -42.54 13.73
N LEU B 146 10.71 -42.06 14.98
CA LEU B 146 11.86 -42.26 15.84
C LEU B 146 12.16 -43.76 15.97
N LYS B 147 11.09 -44.54 16.11
CA LYS B 147 11.18 -45.99 16.27
C LYS B 147 11.68 -46.68 15.00
N LYS B 148 11.04 -46.43 13.86
CA LYS B 148 11.54 -47.01 12.62
C LYS B 148 13.04 -46.77 12.43
N LEU B 149 13.50 -45.58 12.81
CA LEU B 149 14.92 -45.22 12.58
C LEU B 149 15.83 -45.56 13.76
N ASN B 150 15.22 -45.97 14.87
CA ASN B 150 15.93 -46.19 16.13
C ASN B 150 16.73 -44.94 16.58
N LEU B 151 16.03 -43.83 16.79
CA LEU B 151 16.65 -42.64 17.34
C LEU B 151 15.94 -42.28 18.66
N LYS B 152 16.67 -41.73 19.62
CA LYS B 152 15.99 -41.27 20.85
C LYS B 152 15.38 -39.88 20.63
N PRO B 153 14.33 -39.52 21.40
CA PRO B 153 13.85 -38.14 21.22
C PRO B 153 15.03 -37.14 21.41
N PRO B 154 15.07 -36.07 20.58
CA PRO B 154 16.19 -35.14 20.67
C PRO B 154 16.14 -34.26 21.93
N GLN B 155 17.28 -34.12 22.61
CA GLN B 155 17.32 -33.47 23.93
C GLN B 155 17.81 -32.04 23.85
N ASN B 156 18.54 -31.73 22.77
CA ASN B 156 19.10 -30.40 22.54
C ASN B 156 19.03 -30.07 21.06
N ILE B 157 19.48 -28.87 20.68
CA ILE B 157 19.33 -28.38 19.32
C ILE B 157 20.24 -29.12 18.33
N ASP B 158 21.41 -29.55 18.80
CA ASP B 158 22.31 -30.35 17.96
C ASP B 158 21.68 -31.67 17.60
N GLU B 159 21.13 -32.33 18.61
CA GLU B 159 20.33 -33.54 18.40
C GLU B 159 19.06 -33.31 17.58
N LEU B 160 18.43 -32.14 17.69
CA LEU B 160 17.24 -31.87 16.86
C LEU B 160 17.62 -31.76 15.36
N TYR B 161 18.71 -31.06 15.06
CA TYR B 161 19.23 -31.02 13.69
C TYR B 161 19.43 -32.43 13.15
N THR B 162 20.08 -33.27 13.96
CA THR B 162 20.37 -34.66 13.63
C THR B 162 19.13 -35.47 13.34
N VAL B 163 18.12 -35.34 14.18
CA VAL B 163 16.90 -36.10 14.00
C VAL B 163 16.20 -35.67 12.71
N LEU B 164 16.09 -34.35 12.50
CA LEU B 164 15.30 -33.81 11.37
C LEU B 164 15.99 -34.12 10.04
N LYS B 165 17.32 -34.05 10.05
CA LYS B 165 18.19 -34.44 8.93
C LYS B 165 17.96 -35.88 8.58
N ALA B 166 17.79 -36.70 9.62
CA ALA B 166 17.47 -38.10 9.44
C ALA B 166 16.07 -38.29 8.86
N PHE B 167 15.07 -37.58 9.34
CA PHE B 167 13.70 -37.71 8.79
C PHE B 167 13.75 -37.39 7.31
N LYS B 168 14.57 -36.39 7.01
CA LYS B 168 14.78 -35.89 5.66
C LYS B 168 15.43 -36.94 4.78
N GLU B 169 16.60 -37.39 5.15
CA GLU B 169 17.37 -38.23 4.22
C GLU B 169 16.92 -39.68 4.19
N LYS B 170 16.26 -40.13 5.24
CA LYS B 170 15.96 -41.57 5.35
C LYS B 170 14.55 -42.02 4.92
N ASP B 171 13.73 -41.09 4.42
CA ASP B 171 12.38 -41.41 3.90
C ASP B 171 11.52 -42.34 4.78
N PRO B 172 11.37 -42.02 6.08
CA PRO B 172 10.39 -42.80 6.84
C PRO B 172 9.02 -42.80 6.16
N ASN B 173 8.77 -43.84 5.34
CA ASN B 173 7.48 -44.10 4.67
C ASN B 173 6.43 -44.52 5.68
N ALA B 179 10.47 -37.43 0.09
CA ALA B 179 9.18 -36.76 0.09
C ALA B 179 8.78 -36.41 1.55
N ALA B 180 9.61 -36.80 2.51
CA ALA B 180 9.37 -36.50 3.93
C ALA B 180 9.84 -35.09 4.27
N VAL B 181 9.06 -34.39 5.11
CA VAL B 181 9.23 -32.95 5.38
C VAL B 181 9.36 -32.78 6.91
N PRO B 182 10.59 -32.61 7.44
CA PRO B 182 10.79 -32.63 8.89
C PRO B 182 9.89 -31.70 9.73
N PHE B 183 10.07 -30.39 9.62
CA PHE B 183 9.20 -29.37 10.23
C PHE B 183 8.07 -28.78 9.32
N ILE B 184 6.82 -28.95 9.76
CA ILE B 184 5.60 -28.34 9.18
C ILE B 184 4.85 -27.58 10.29
N ASP B 185 4.03 -26.60 9.93
CA ASP B 185 3.20 -25.89 10.89
C ASP B 185 2.10 -25.17 10.13
N ARG B 186 0.89 -25.20 10.65
CA ARG B 186 -0.26 -24.51 10.07
C ARG B 186 -0.25 -23.02 10.33
N HIS B 187 0.68 -22.58 11.18
CA HIS B 187 0.94 -21.17 11.40
C HIS B 187 2.32 -20.77 10.89
N PRO B 188 2.41 -20.16 9.69
CA PRO B 188 3.73 -19.79 9.13
C PRO B 188 4.61 -19.09 10.15
N ASP B 189 3.97 -18.31 11.02
CA ASP B 189 4.65 -17.53 12.03
C ASP B 189 5.63 -18.33 12.89
N GLU B 190 5.37 -19.63 12.99
CA GLU B 190 6.17 -20.55 13.79
C GLU B 190 7.57 -20.79 13.23
N VAL B 191 7.75 -20.59 11.92
CA VAL B 191 9.07 -20.75 11.36
C VAL B 191 10.02 -19.73 12.00
N PHE B 192 9.51 -18.57 12.43
CA PHE B 192 10.35 -17.57 13.08
C PHE B 192 10.56 -17.88 14.55
N ARG B 193 9.56 -18.45 15.21
CA ARG B 193 9.72 -18.95 16.61
C ARG B 193 10.86 -19.98 16.74
N LEU B 194 11.17 -20.66 15.64
CA LEU B 194 12.39 -21.48 15.60
C LEU B 194 13.68 -20.77 16.10
N VAL B 195 13.77 -19.43 16.05
CA VAL B 195 14.99 -18.74 16.54
C VAL B 195 15.27 -18.99 18.02
N ASN B 196 14.22 -19.40 18.76
CA ASN B 196 14.35 -19.78 20.17
C ASN B 196 15.48 -20.80 20.41
N PHE B 197 15.79 -21.60 19.40
CA PHE B 197 16.74 -22.71 19.54
C PHE B 197 18.18 -22.24 19.48
N TRP B 198 18.34 -21.01 19.06
CA TRP B 198 19.62 -20.39 19.16
C TRP B 198 19.52 -19.14 20.01
N GLY B 199 18.75 -19.25 21.10
CA GLY B 199 18.68 -18.21 22.15
C GLY B 199 18.16 -16.81 21.83
N ALA B 200 17.34 -16.68 20.78
CA ALA B 200 16.66 -15.43 20.41
C ALA B 200 15.17 -15.55 20.64
N ARG B 201 14.53 -14.51 21.13
CA ARG B 201 13.07 -14.47 21.14
C ARG B 201 12.54 -14.15 19.73
N SER B 202 11.30 -14.56 19.47
CA SER B 202 10.59 -14.09 18.27
C SER B 202 9.38 -13.25 18.73
N SER B 203 8.96 -13.43 19.98
CA SER B 203 7.80 -12.71 20.52
C SER B 203 7.83 -12.68 22.00
N GLY B 204 7.03 -11.77 22.57
CA GLY B 204 6.94 -11.63 24.00
C GLY B 204 5.66 -12.24 24.51
N SER B 205 4.86 -12.76 23.60
CA SER B 205 3.58 -13.35 24.01
C SER B 205 3.08 -14.36 22.97
N ASP B 206 1.88 -14.87 23.24
CA ASP B 206 1.17 -15.75 22.35
C ASP B 206 0.75 -15.00 21.06
N ASN B 207 0.78 -13.66 21.09
CA ASN B 207 0.65 -12.85 19.86
C ASN B 207 1.98 -12.83 19.11
N TYR B 208 1.94 -13.19 17.85
CA TYR B 208 3.14 -13.24 17.04
C TYR B 208 3.74 -11.82 16.93
N MET B 209 5.08 -11.72 16.96
CA MET B 209 5.79 -10.45 16.72
C MET B 209 5.49 -9.37 17.76
N ASP B 210 5.24 -9.79 18.99
CA ASP B 210 4.89 -8.94 20.10
C ASP B 210 6.16 -8.50 20.78
N PHE B 211 6.03 -7.38 21.46
CA PHE B 211 7.14 -6.76 22.18
C PHE B 211 7.40 -7.56 23.42
N TYR B 212 8.57 -7.38 24.03
CA TYR B 212 8.85 -7.96 25.35
C TYR B 212 9.62 -7.03 26.27
N ILE B 213 9.72 -7.40 27.55
CA ILE B 213 10.54 -6.67 28.51
C ILE B 213 11.86 -7.41 28.81
N ASP B 214 12.97 -6.69 28.72
CA ASP B 214 14.27 -7.24 29.06
C ASP B 214 14.97 -6.32 30.06
N ASN B 215 15.00 -6.75 31.32
CA ASN B 215 15.71 -6.02 32.36
C ASN B 215 15.14 -4.60 32.40
N GLY B 216 13.82 -4.48 32.48
CA GLY B 216 13.12 -3.18 32.48
C GLY B 216 13.25 -2.29 31.23
N ARG B 217 13.67 -2.87 30.10
CA ARG B 217 13.66 -2.18 28.81
C ARG B 217 12.63 -2.83 27.85
N VAL B 218 11.71 -2.03 27.30
CA VAL B 218 10.81 -2.50 26.26
C VAL B 218 11.61 -2.68 24.97
N LYS B 219 11.54 -3.87 24.40
CA LYS B 219 12.27 -4.21 23.20
C LYS B 219 11.34 -4.95 22.24
N HIS B 220 11.72 -4.95 20.99
CA HIS B 220 11.06 -5.80 20.06
C HIS B 220 12.06 -6.82 19.56
N PRO B 221 11.68 -8.12 19.67
CA PRO B 221 12.60 -9.23 19.44
C PRO B 221 13.19 -9.19 18.05
N TRP B 222 12.44 -8.70 17.07
CA TRP B 222 12.85 -8.76 15.68
C TRP B 222 13.93 -7.73 15.32
N ALA B 223 14.15 -6.79 16.25
CA ALA B 223 15.16 -5.75 16.09
C ALA B 223 16.51 -6.10 16.75
N GLU B 224 16.57 -7.21 17.48
CA GLU B 224 17.80 -7.55 18.23
C GLU B 224 18.71 -8.41 17.38
N THR B 225 20.00 -8.30 17.64
CA THR B 225 21.02 -8.99 16.88
C THR B 225 20.94 -10.48 17.14
N ALA B 226 20.39 -10.87 18.31
CA ALA B 226 20.10 -12.26 18.60
C ALA B 226 19.18 -12.81 17.49
N PHE B 227 18.16 -12.04 17.10
CA PHE B 227 17.25 -12.43 15.99
C PHE B 227 17.95 -12.51 14.64
N ARG B 228 18.84 -11.56 14.36
CA ARG B 228 19.77 -11.68 13.22
C ARG B 228 20.48 -13.03 13.16
N ASP B 229 21.12 -13.42 14.26
CA ASP B 229 21.95 -14.63 14.31
C ASP B 229 21.08 -15.84 14.18
N GLY B 230 19.96 -15.80 14.89
CA GLY B 230 18.98 -16.86 14.87
C GLY B 230 18.51 -17.10 13.45
N MET B 231 18.12 -16.02 12.75
CA MET B 231 17.57 -16.16 11.38
C MET B 231 18.55 -16.75 10.36
N LYS B 232 19.85 -16.63 10.63
CA LYS B 232 20.85 -17.25 9.75
C LYS B 232 20.78 -18.78 9.76
N HIS B 233 20.45 -19.36 10.91
CA HIS B 233 20.30 -20.81 11.03
C HIS B 233 18.98 -21.28 10.43
N VAL B 234 17.91 -20.53 10.67
CA VAL B 234 16.61 -20.86 10.11
C VAL B 234 16.62 -20.82 8.56
N ALA B 235 17.25 -19.80 7.97
CA ALA B 235 17.53 -19.82 6.52
C ALA B 235 18.26 -21.13 6.07
N GLN B 236 19.33 -21.47 6.77
CA GLN B 236 20.13 -22.62 6.46
C GLN B 236 19.26 -23.89 6.53
N TRP B 237 18.45 -23.97 7.58
CA TRP B 237 17.52 -25.07 7.74
C TRP B 237 16.50 -25.15 6.61
N TYR B 238 16.01 -23.96 6.18
CA TYR B 238 15.10 -23.91 5.04
C TYR B 238 15.84 -24.37 3.80
N LYS B 239 17.04 -23.84 3.62
CA LYS B 239 17.86 -24.19 2.44
C LYS B 239 18.06 -25.71 2.39
N GLU B 240 18.24 -26.34 3.57
CA GLU B 240 18.44 -27.79 3.63
C GLU B 240 17.16 -28.62 3.53
N GLY B 241 16.02 -27.95 3.36
CA GLY B 241 14.77 -28.68 3.16
C GLY B 241 14.22 -29.19 4.48
N LEU B 242 14.82 -28.79 5.59
CA LEU B 242 14.29 -29.20 6.90
C LEU B 242 12.95 -28.55 7.19
N ILE B 243 12.68 -27.41 6.58
CA ILE B 243 11.43 -26.71 6.80
C ILE B 243 10.53 -26.81 5.58
N ASP B 244 9.29 -27.25 5.78
CA ASP B 244 8.24 -27.17 4.72
C ASP B 244 8.46 -26.02 3.79
N LYS B 245 8.75 -26.33 2.53
CA LYS B 245 9.02 -25.28 1.55
C LYS B 245 7.81 -24.32 1.35
N GLU B 246 6.60 -24.84 1.52
CA GLU B 246 5.38 -24.03 1.47
C GLU B 246 4.92 -23.55 2.87
N ILE B 247 5.88 -23.36 3.79
CA ILE B 247 5.55 -22.96 5.15
C ILE B 247 4.66 -21.71 5.20
N PHE B 248 4.88 -20.76 4.28
CA PHE B 248 4.20 -19.48 4.31
C PHE B 248 2.85 -19.48 3.62
N THR B 249 2.56 -20.51 2.83
CA THR B 249 1.29 -20.56 2.05
C THR B 249 0.37 -21.73 2.45
N ARG B 250 0.93 -22.81 2.99
CA ARG B 250 0.15 -24.00 3.23
C ARG B 250 -0.97 -23.72 4.24
N LYS B 251 -0.55 -23.38 5.45
CA LYS B 251 -1.42 -22.71 6.43
C LYS B 251 -2.40 -23.68 7.08
N ALA B 252 -3.70 -23.39 7.04
CA ALA B 252 -4.67 -23.95 8.00
C ALA B 252 -4.80 -25.45 7.92
N ARG B 253 -4.61 -26.03 6.77
CA ARG B 253 -4.73 -27.47 6.80
C ARG B 253 -3.40 -28.23 6.81
N ALA B 254 -2.32 -27.58 7.22
CA ALA B 254 -1.03 -28.28 7.24
C ALA B 254 -0.99 -29.62 7.95
N ARG B 255 -1.66 -29.77 9.10
CA ARG B 255 -1.63 -31.06 9.81
C ARG B 255 -2.42 -32.12 9.06
N GLU B 256 -3.69 -31.84 8.73
CA GLU B 256 -4.43 -32.73 7.84
C GLU B 256 -3.60 -33.18 6.61
N GLN B 257 -2.96 -32.26 5.92
CA GLN B 257 -2.34 -32.65 4.66
C GLN B 257 -1.00 -33.35 4.91
N MET B 258 -0.16 -32.74 5.76
CA MET B 258 1.20 -33.25 5.94
C MET B 258 1.35 -34.46 6.86
N PHE B 259 0.52 -34.55 7.92
CA PHE B 259 0.48 -35.77 8.78
C PHE B 259 -0.42 -36.89 8.21
N GLY B 260 -1.63 -36.55 7.77
CA GLY B 260 -2.46 -37.47 6.96
C GLY B 260 -1.77 -38.08 5.72
N GLY B 261 -0.85 -37.37 5.10
CA GLY B 261 -0.16 -37.96 3.95
C GLY B 261 1.15 -38.55 4.42
N ASN B 262 1.33 -38.61 5.73
CA ASN B 262 2.55 -39.19 6.31
C ASN B 262 3.81 -38.55 5.72
N LEU B 263 3.86 -37.21 5.76
CA LEU B 263 4.99 -36.39 5.24
C LEU B 263 5.70 -35.61 6.33
N GLY B 264 4.93 -35.06 7.28
CA GLY B 264 5.51 -34.29 8.36
C GLY B 264 6.02 -35.04 9.58
N GLY B 265 7.18 -34.60 10.08
CA GLY B 265 7.74 -35.21 11.29
C GLY B 265 7.59 -34.44 12.61
N PHE B 266 7.46 -33.11 12.54
CA PHE B 266 7.74 -32.27 13.70
C PHE B 266 7.01 -30.97 13.58
N THR B 267 6.45 -30.46 14.67
CA THR B 267 5.70 -29.19 14.65
C THR B 267 5.68 -28.55 16.02
N HIS B 268 5.22 -27.31 16.07
CA HIS B 268 5.00 -26.62 17.35
C HIS B 268 3.57 -26.13 17.26
N ASP B 269 2.69 -26.71 18.07
CA ASP B 269 1.28 -26.42 17.90
C ASP B 269 0.64 -26.66 19.27
N TRP B 270 -0.68 -26.57 19.30
CA TRP B 270 -1.41 -26.70 20.55
C TRP B 270 -1.55 -28.15 20.96
N PHE B 271 -1.60 -28.37 22.26
CA PHE B 271 -1.58 -29.76 22.78
C PHE B 271 -2.83 -30.57 22.46
N ALA B 272 -3.98 -29.95 22.67
CA ALA B 272 -5.23 -30.68 22.59
C ALA B 272 -5.44 -31.08 21.14
N SER B 273 -5.50 -30.12 20.21
CA SER B 273 -5.74 -30.50 18.81
C SER B 273 -4.64 -31.35 18.21
N THR B 274 -3.38 -31.02 18.46
CA THR B 274 -2.29 -31.72 17.76
C THR B 274 -2.31 -33.21 18.13
N MET B 275 -2.70 -33.50 19.36
CA MET B 275 -2.67 -34.86 19.83
C MET B 275 -3.90 -35.67 19.43
N THR B 276 -4.99 -35.04 18.95
CA THR B 276 -6.10 -35.83 18.41
C THR B 276 -5.69 -36.55 17.10
N PHE B 277 -4.67 -36.07 16.40
CA PHE B 277 -4.29 -36.76 15.16
C PHE B 277 -3.80 -38.23 15.39
N ASN B 278 -3.35 -38.54 16.60
CA ASN B 278 -3.04 -39.94 16.95
C ASN B 278 -4.23 -40.90 16.75
N GLU B 279 -5.39 -40.56 17.30
CA GLU B 279 -6.61 -41.30 17.01
C GLU B 279 -7.11 -41.07 15.58
N GLY B 280 -7.17 -39.80 15.15
CA GLY B 280 -7.77 -39.41 13.87
C GLY B 280 -7.11 -39.96 12.60
N LEU B 281 -5.80 -40.26 12.69
CA LEU B 281 -5.06 -40.84 11.56
C LEU B 281 -4.80 -42.34 11.74
N ALA B 282 -5.38 -42.92 12.79
CA ALA B 282 -5.16 -44.33 13.11
C ALA B 282 -5.48 -45.32 11.99
N LYS B 283 -6.56 -45.08 11.25
CA LYS B 283 -6.88 -46.00 10.15
C LYS B 283 -6.01 -45.71 8.91
N THR B 284 -5.84 -44.43 8.60
CA THR B 284 -5.22 -43.99 7.37
C THR B 284 -3.69 -43.98 7.38
N VAL B 285 -3.10 -43.83 8.55
CA VAL B 285 -1.65 -43.95 8.71
C VAL B 285 -1.38 -44.81 9.95
N PRO B 286 -1.60 -46.16 9.83
CA PRO B 286 -1.35 -47.09 10.94
C PRO B 286 0.04 -46.90 11.56
N GLY B 287 0.09 -46.79 12.87
CA GLY B 287 1.34 -46.58 13.54
C GLY B 287 1.63 -45.13 13.81
N PHE B 288 0.92 -44.20 13.16
CA PHE B 288 1.12 -42.76 13.40
C PHE B 288 1.08 -42.43 14.91
N LYS B 289 2.16 -41.82 15.41
CA LYS B 289 2.23 -41.41 16.82
C LYS B 289 3.10 -40.18 17.00
N LEU B 290 2.46 -39.08 17.36
CA LEU B 290 3.16 -37.86 17.77
C LEU B 290 3.33 -37.89 19.26
N ILE B 291 4.51 -37.60 19.75
CA ILE B 291 4.61 -37.41 21.20
C ILE B 291 4.98 -35.99 21.53
N PRO B 292 4.54 -35.48 22.71
CA PRO B 292 5.10 -34.22 23.21
C PRO B 292 6.56 -34.42 23.60
N ILE B 293 7.44 -33.50 23.22
CA ILE B 293 8.78 -33.50 23.77
C ILE B 293 9.03 -32.16 24.43
N ALA B 294 9.89 -32.15 25.43
CA ALA B 294 10.34 -30.93 26.07
C ALA B 294 11.07 -30.14 25.02
N PRO B 295 11.03 -28.82 25.09
CA PRO B 295 11.76 -28.07 24.09
C PRO B 295 13.24 -28.47 24.13
N PRO B 296 13.80 -28.99 23.02
CA PRO B 296 15.25 -29.26 23.07
C PRO B 296 16.05 -28.06 23.59
N THR B 297 17.03 -28.34 24.43
CA THR B 297 17.91 -27.32 24.97
C THR B 297 18.52 -26.45 23.85
N ASN B 298 18.43 -25.13 23.97
CA ASN B 298 18.95 -24.23 22.92
C ASN B 298 20.45 -23.99 23.03
N SER B 299 21.01 -23.31 22.02
CA SER B 299 22.45 -23.02 21.95
C SER B 299 23.00 -22.26 23.16
N LYS B 300 22.15 -21.66 23.98
CA LYS B 300 22.65 -20.97 25.17
C LYS B 300 22.35 -21.79 26.46
N GLY B 301 21.94 -23.05 26.28
CA GLY B 301 21.75 -23.96 27.39
C GLY B 301 20.42 -23.90 28.12
N GLN B 302 19.37 -23.39 27.48
CA GLN B 302 18.09 -23.35 28.14
C GLN B 302 16.99 -23.97 27.30
N ARG B 303 15.92 -24.40 27.98
CA ARG B 303 14.75 -25.01 27.35
C ARG B 303 13.60 -24.00 27.31
N TRP B 304 13.30 -23.50 26.12
CA TRP B 304 12.30 -22.44 25.98
C TRP B 304 10.97 -22.89 25.38
N GLU B 305 9.88 -22.66 26.11
CA GLU B 305 8.58 -22.62 25.48
C GLU B 305 8.16 -21.14 25.52
N GLU B 306 8.21 -20.47 24.37
CA GLU B 306 7.93 -19.05 24.30
C GLU B 306 6.45 -18.76 24.39
N ASP B 307 5.62 -19.72 24.00
CA ASP B 307 4.18 -19.50 23.85
C ASP B 307 3.55 -19.79 25.19
N SER B 308 2.49 -19.06 25.54
CA SER B 308 1.73 -19.31 26.76
C SER B 308 0.29 -18.93 26.46
N ARG B 309 -0.65 -19.35 27.29
CA ARG B 309 -2.03 -19.04 26.97
C ARG B 309 -2.26 -17.63 27.45
N GLN B 310 -2.99 -16.81 26.69
CA GLN B 310 -3.21 -15.40 27.11
C GLN B 310 -4.32 -15.23 28.14
N LYS B 311 -4.24 -14.13 28.91
CA LYS B 311 -5.27 -13.76 29.90
C LYS B 311 -6.49 -13.23 29.21
N VAL B 312 -6.23 -12.48 28.14
CA VAL B 312 -7.27 -11.90 27.29
C VAL B 312 -6.69 -11.72 25.88
N ARG B 313 -7.40 -12.21 24.88
CA ARG B 313 -7.00 -12.01 23.48
C ARG B 313 -7.45 -10.67 22.86
N PRO B 314 -6.67 -10.19 21.88
CA PRO B 314 -7.02 -8.96 21.21
C PRO B 314 -8.16 -9.16 20.21
N ASP B 315 -9.11 -10.03 20.53
CA ASP B 315 -10.26 -10.30 19.68
C ASP B 315 -11.53 -9.98 20.42
N GLY B 316 -12.57 -9.58 19.69
CA GLY B 316 -13.88 -9.49 20.31
C GLY B 316 -14.85 -8.75 19.43
N TRP B 317 -15.82 -8.07 20.05
CA TRP B 317 -16.76 -7.26 19.29
C TRP B 317 -17.15 -5.98 20.00
N ALA B 318 -17.60 -5.02 19.19
CA ALA B 318 -17.87 -3.68 19.60
C ALA B 318 -19.22 -3.25 19.07
N ILE B 319 -19.75 -2.17 19.64
CA ILE B 319 -21.04 -1.60 19.20
C ILE B 319 -20.74 -0.34 18.42
N THR B 320 -21.18 -0.27 17.16
CA THR B 320 -20.90 0.90 16.36
C THR B 320 -21.78 2.04 16.78
N VAL B 321 -21.38 3.24 16.38
CA VAL B 321 -22.14 4.46 16.62
C VAL B 321 -23.51 4.43 15.90
N LYS B 322 -23.63 3.62 14.85
CA LYS B 322 -24.90 3.50 14.11
C LYS B 322 -25.95 2.62 14.82
N ASN B 323 -25.51 1.86 15.82
CA ASN B 323 -26.42 0.97 16.53
C ASN B 323 -27.46 1.76 17.30
N LYS B 324 -28.71 1.66 16.87
CA LYS B 324 -29.81 2.38 17.51
C LYS B 324 -30.41 1.58 18.67
N ASN B 325 -29.92 0.37 18.87
CA ASN B 325 -30.29 -0.44 20.03
C ASN B 325 -29.07 -0.78 20.89
N PRO B 326 -28.39 0.24 21.42
CA PRO B 326 -27.22 0.01 22.27
C PRO B 326 -27.50 -0.81 23.54
N VAL B 327 -28.70 -0.71 24.11
CA VAL B 327 -29.01 -1.38 25.39
C VAL B 327 -29.22 -2.89 25.20
N GLU B 328 -30.07 -3.26 24.23
CA GLU B 328 -30.25 -4.64 23.81
C GLU B 328 -28.94 -5.30 23.40
N THR B 329 -28.07 -4.54 22.72
CA THR B 329 -26.80 -5.06 22.27
C THR B 329 -25.82 -5.35 23.45
N ILE B 330 -25.64 -4.43 24.39
CA ILE B 330 -24.84 -4.77 25.59
C ILE B 330 -25.40 -5.96 26.39
N LYS B 331 -26.72 -6.15 26.36
CA LYS B 331 -27.29 -7.27 27.08
C LYS B 331 -27.07 -8.55 26.28
N PHE B 332 -27.08 -8.43 24.96
CA PHE B 332 -26.74 -9.51 24.08
C PHE B 332 -25.27 -9.94 24.30
N PHE B 333 -24.38 -8.97 24.40
CA PHE B 333 -22.97 -9.22 24.71
C PHE B 333 -22.84 -9.91 26.07
N ASP B 334 -23.63 -9.44 27.05
CA ASP B 334 -23.58 -9.93 28.42
C ASP B 334 -23.93 -11.40 28.50
N PHE B 335 -24.88 -11.83 27.67
CA PHE B 335 -25.28 -13.24 27.55
C PHE B 335 -24.04 -14.13 27.48
N TYR B 336 -23.08 -13.76 26.65
CA TYR B 336 -21.91 -14.62 26.46
C TYR B 336 -20.91 -14.65 27.63
N PHE B 337 -21.23 -13.96 28.73
CA PHE B 337 -20.46 -14.10 29.96
C PHE B 337 -21.29 -14.81 31.05
N SER B 338 -22.57 -15.06 30.78
CA SER B 338 -23.46 -15.86 31.61
C SER B 338 -23.31 -17.36 31.32
N ARG B 339 -23.75 -18.19 32.26
CA ARG B 339 -23.56 -19.64 32.16
C ARG B 339 -24.14 -20.22 30.89
N PRO B 340 -25.44 -19.90 30.58
CA PRO B 340 -26.03 -20.44 29.34
C PRO B 340 -25.33 -19.97 28.04
N GLY B 341 -24.83 -18.73 28.05
CA GLY B 341 -24.08 -18.16 26.95
C GLY B 341 -22.68 -18.71 26.81
N ARG B 342 -22.00 -18.92 27.92
CA ARG B 342 -20.71 -19.61 27.85
C ARG B 342 -20.93 -21.06 27.41
N ASP B 343 -22.09 -21.65 27.79
CA ASP B 343 -22.40 -23.04 27.36
C ASP B 343 -22.38 -23.19 25.83
N ILE B 344 -23.13 -22.33 25.13
CA ILE B 344 -23.28 -22.50 23.70
C ILE B 344 -22.05 -22.02 22.96
N SER B 345 -21.46 -20.91 23.40
CA SER B 345 -20.29 -20.35 22.73
C SER B 345 -19.02 -21.22 22.94
N ASN B 346 -19.01 -22.04 23.99
CA ASN B 346 -17.96 -23.03 24.21
C ASN B 346 -18.25 -24.46 23.70
N PHE B 347 -19.51 -24.90 23.71
CA PHE B 347 -19.81 -26.35 23.59
C PHE B 347 -20.74 -26.68 22.42
N GLY B 348 -21.36 -25.67 21.84
CA GLY B 348 -22.20 -25.95 20.67
C GLY B 348 -23.69 -25.80 20.94
N VAL B 349 -24.45 -26.83 20.58
CA VAL B 349 -25.91 -26.80 20.74
C VAL B 349 -26.37 -27.94 21.66
N PRO B 350 -27.16 -27.61 22.71
CA PRO B 350 -27.69 -28.67 23.61
C PRO B 350 -28.47 -29.72 22.87
N GLY B 351 -28.15 -30.97 23.15
CA GLY B 351 -28.77 -32.06 22.42
C GLY B 351 -28.10 -32.35 21.08
N VAL B 352 -27.29 -31.45 20.55
CA VAL B 352 -26.56 -31.78 19.32
C VAL B 352 -25.09 -32.16 19.56
N THR B 353 -24.31 -31.25 20.15
CA THR B 353 -22.90 -31.53 20.52
C THR B 353 -22.68 -31.77 22.03
N TYR B 354 -23.66 -31.40 22.85
CA TYR B 354 -23.52 -31.54 24.29
C TYR B 354 -24.87 -31.71 25.01
N ASP B 355 -24.83 -32.15 26.27
CA ASP B 355 -26.01 -32.20 27.16
C ASP B 355 -25.59 -31.72 28.57
N ILE B 356 -26.53 -31.15 29.29
CA ILE B 356 -26.25 -30.71 30.64
C ILE B 356 -26.30 -31.95 31.50
N LYS B 357 -25.20 -32.20 32.21
CA LYS B 357 -25.12 -33.34 33.13
C LYS B 357 -24.49 -32.86 34.43
N ASN B 358 -25.15 -33.15 35.54
CA ASN B 358 -24.74 -32.66 36.86
C ASN B 358 -24.53 -31.15 36.88
N GLY B 359 -25.40 -30.42 36.20
CA GLY B 359 -25.33 -28.95 36.16
C GLY B 359 -24.20 -28.28 35.36
N LYS B 360 -23.56 -29.04 34.45
CA LYS B 360 -22.55 -28.53 33.53
C LYS B 360 -22.72 -29.15 32.14
N ALA B 361 -22.11 -28.52 31.15
CA ALA B 361 -22.13 -29.01 29.79
C ALA B 361 -21.10 -30.10 29.61
N VAL B 362 -21.54 -31.16 28.94
CA VAL B 362 -20.76 -32.37 28.73
C VAL B 362 -20.88 -32.74 27.26
N PHE B 363 -19.75 -32.73 26.55
CA PHE B 363 -19.77 -33.15 25.14
C PHE B 363 -20.32 -34.58 25.03
N LYS B 364 -21.06 -34.83 23.96
CA LYS B 364 -21.39 -36.20 23.60
C LYS B 364 -20.12 -36.97 23.21
N ASP B 365 -20.07 -38.24 23.59
CA ASP B 365 -18.97 -39.17 23.32
C ASP B 365 -18.64 -39.18 21.83
N SER B 366 -19.69 -39.07 21.03
CA SER B 366 -19.55 -39.12 19.59
C SER B 366 -18.80 -37.87 19.06
N VAL B 367 -18.95 -36.73 19.73
CA VAL B 367 -18.18 -35.53 19.38
C VAL B 367 -16.69 -35.77 19.74
N LEU B 368 -16.47 -36.37 20.91
CA LEU B 368 -15.13 -36.66 21.38
C LEU B 368 -14.43 -37.62 20.40
N LYS B 369 -15.12 -38.70 20.00
CA LYS B 369 -14.55 -39.74 19.12
C LYS B 369 -14.86 -39.44 17.65
N SER B 370 -14.08 -38.51 17.09
CA SER B 370 -14.27 -37.96 15.74
C SER B 370 -12.86 -37.68 15.21
N PRO B 371 -12.62 -37.86 13.90
CA PRO B 371 -11.27 -37.66 13.33
C PRO B 371 -10.80 -36.18 13.33
N GLN B 372 -11.76 -35.26 13.45
CA GLN B 372 -11.55 -33.82 13.48
C GLN B 372 -11.44 -33.33 14.93
N PRO B 373 -10.48 -32.42 15.21
CA PRO B 373 -10.40 -31.85 16.57
C PRO B 373 -11.74 -31.23 16.96
N VAL B 374 -12.09 -31.31 18.24
CA VAL B 374 -13.35 -30.76 18.71
C VAL B 374 -13.46 -29.26 18.48
N ASN B 375 -12.38 -28.49 18.72
CA ASN B 375 -12.43 -27.03 18.38
C ASN B 375 -12.79 -26.78 16.89
N ASN B 376 -12.18 -27.52 15.96
CA ASN B 376 -12.58 -27.43 14.53
C ASN B 376 -14.05 -27.75 14.27
N GLN B 377 -14.59 -28.74 14.97
CA GLN B 377 -15.98 -29.07 14.82
C GLN B 377 -16.82 -27.90 15.28
N LEU B 378 -16.39 -27.24 16.35
CA LEU B 378 -17.18 -26.13 16.88
C LEU B 378 -17.09 -24.92 15.95
N TYR B 379 -15.90 -24.65 15.40
CA TYR B 379 -15.77 -23.53 14.45
C TYR B 379 -16.83 -23.65 13.33
N ASP B 380 -17.01 -24.88 12.84
CA ASP B 380 -17.95 -25.19 11.76
C ASP B 380 -19.41 -24.92 12.10
N MET B 381 -19.73 -24.79 13.39
CA MET B 381 -21.10 -24.51 13.78
C MET B 381 -21.23 -23.20 14.57
N GLY B 382 -20.16 -22.41 14.59
CA GLY B 382 -20.19 -21.05 15.16
C GLY B 382 -19.81 -20.88 16.63
N ALA B 383 -19.03 -21.83 17.16
CA ALA B 383 -18.55 -21.82 18.54
C ALA B 383 -17.04 -21.82 18.54
N GLN B 384 -16.47 -21.44 19.68
CA GLN B 384 -15.03 -21.22 19.82
C GLN B 384 -14.53 -20.23 18.76
N ILE B 385 -15.37 -19.25 18.43
CA ILE B 385 -15.05 -18.19 17.49
C ILE B 385 -14.78 -16.91 18.26
N PRO B 386 -14.03 -15.96 17.64
CA PRO B 386 -13.50 -14.78 18.31
C PRO B 386 -14.44 -13.60 18.46
N ILE B 387 -15.67 -13.86 18.89
CA ILE B 387 -16.54 -12.82 19.40
C ILE B 387 -16.12 -12.51 20.84
N GLY B 388 -16.87 -11.66 21.52
CA GLY B 388 -16.64 -11.43 22.96
C GLY B 388 -17.29 -12.56 23.73
N PHE B 389 -16.48 -13.41 24.35
CA PHE B 389 -16.99 -14.49 25.21
C PHE B 389 -15.93 -14.96 26.18
N TRP B 390 -16.41 -15.63 27.20
CA TRP B 390 -15.56 -16.11 28.27
C TRP B 390 -15.39 -17.60 28.04
N GLN B 391 -14.21 -17.95 27.53
CA GLN B 391 -13.88 -19.35 27.27
C GLN B 391 -13.88 -20.14 28.59
N ASP B 392 -14.33 -21.40 28.50
CA ASP B 392 -14.37 -22.34 29.60
C ASP B 392 -13.45 -23.55 29.32
N TYR B 393 -12.31 -23.61 30.00
CA TYR B 393 -11.34 -24.68 29.83
C TYR B 393 -11.93 -26.08 30.05
N ASP B 394 -13.05 -26.18 30.76
CA ASP B 394 -13.66 -27.50 30.87
C ASP B 394 -14.09 -28.11 29.52
N TYR B 395 -14.30 -27.26 28.54
CA TYR B 395 -14.63 -27.76 27.21
C TYR B 395 -13.41 -28.47 26.64
N GLU B 396 -12.25 -27.84 26.85
CA GLU B 396 -10.98 -28.34 26.35
C GLU B 396 -10.54 -29.61 27.12
N ARG B 397 -10.64 -29.56 28.44
CA ARG B 397 -10.27 -30.69 29.29
C ARG B 397 -10.92 -31.98 28.72
N GLN B 398 -12.19 -31.88 28.33
CA GLN B 398 -12.95 -33.03 27.85
C GLN B 398 -12.45 -33.68 26.56
N TRP B 399 -11.66 -32.99 25.74
CA TRP B 399 -11.04 -33.71 24.60
C TRP B 399 -9.51 -33.69 24.63
N THR B 400 -8.92 -33.38 25.79
CA THR B 400 -7.47 -33.52 25.96
C THR B 400 -7.21 -34.98 26.37
N THR B 401 -6.50 -35.72 25.53
CA THR B 401 -6.14 -37.12 25.81
C THR B 401 -5.18 -37.20 27.00
N PRO B 402 -5.13 -38.39 27.67
CA PRO B 402 -4.14 -38.64 28.74
C PRO B 402 -2.72 -38.37 28.27
N GLU B 403 -2.37 -38.77 27.05
CA GLU B 403 -1.04 -38.49 26.46
C GLU B 403 -0.83 -36.98 26.23
N ALA B 404 -1.87 -36.27 25.76
CA ALA B 404 -1.77 -34.81 25.71
C ALA B 404 -1.57 -34.19 27.10
N GLN B 405 -2.31 -34.70 28.09
CA GLN B 405 -2.25 -34.16 29.44
C GLN B 405 -0.85 -34.39 30.06
N ALA B 406 -0.21 -35.49 29.73
CA ALA B 406 1.14 -35.77 30.26
C ALA B 406 2.07 -34.70 29.74
N GLY B 407 1.89 -34.30 28.49
CA GLY B 407 2.72 -33.26 27.89
C GLY B 407 2.54 -31.91 28.57
N ILE B 408 1.28 -31.55 28.87
CA ILE B 408 0.95 -30.28 29.57
C ILE B 408 1.65 -30.23 30.93
N ASP B 409 1.42 -31.29 31.71
CA ASP B 409 2.01 -31.45 33.04
C ASP B 409 3.52 -31.38 32.98
N MET B 410 4.11 -31.97 31.94
CA MET B 410 5.54 -31.93 31.74
C MET B 410 5.99 -30.50 31.58
N TYR B 411 5.21 -29.74 30.80
CA TYR B 411 5.57 -28.36 30.46
C TYR B 411 5.46 -27.45 31.69
N VAL B 412 4.33 -27.54 32.38
CA VAL B 412 4.13 -26.83 33.66
C VAL B 412 5.16 -27.20 34.74
N LYS B 413 5.43 -28.49 34.92
CA LYS B 413 6.38 -28.93 35.95
C LYS B 413 7.82 -28.50 35.63
N GLY B 414 8.26 -28.69 34.39
CA GLY B 414 9.60 -28.24 33.98
C GLY B 414 9.76 -26.73 33.89
N LYS B 415 8.66 -25.99 34.03
CA LYS B 415 8.70 -24.51 34.05
C LYS B 415 9.23 -23.87 32.77
N TYR B 416 8.95 -24.50 31.63
CA TYR B 416 9.53 -24.09 30.34
C TYR B 416 8.86 -22.86 29.76
N VAL B 417 7.58 -22.65 30.10
CA VAL B 417 6.81 -21.55 29.53
C VAL B 417 7.37 -20.21 29.98
N MET B 418 7.82 -19.39 29.03
CA MET B 418 8.35 -18.04 29.31
C MET B 418 7.22 -17.11 29.71
N PRO B 419 7.44 -16.30 30.75
CA PRO B 419 6.32 -15.43 31.14
C PRO B 419 6.00 -14.45 29.98
N GLY B 420 4.72 -14.25 29.69
CA GLY B 420 4.30 -13.43 28.56
C GLY B 420 4.28 -11.94 28.88
N PHE B 421 4.52 -11.13 27.85
CA PHE B 421 4.40 -9.68 27.92
C PHE B 421 2.91 -9.33 28.04
N GLU B 422 2.56 -8.54 29.06
CA GLU B 422 1.14 -8.26 29.29
C GLU B 422 0.67 -6.93 28.78
N GLY B 423 1.55 -6.20 28.10
CA GLY B 423 1.18 -4.92 27.47
C GLY B 423 1.55 -3.74 28.34
N VAL B 424 1.24 -2.55 27.85
CA VAL B 424 1.53 -1.31 28.57
C VAL B 424 0.26 -0.51 28.47
N ASN B 425 0.16 0.53 29.28
CA ASN B 425 -1.00 1.38 29.30
C ASN B 425 -0.59 2.77 28.84
N MET B 426 -0.81 3.06 27.56
CA MET B 426 -0.26 4.26 26.95
C MET B 426 -1.24 5.41 27.08
N THR B 427 -0.72 6.64 27.15
CA THR B 427 -1.54 7.83 27.02
C THR B 427 -2.02 8.01 25.57
N ARG B 428 -2.86 9.02 25.32
CA ARG B 428 -3.34 9.29 23.96
C ARG B 428 -2.17 9.56 23.00
N GLU B 429 -1.23 10.40 23.43
CA GLU B 429 -0.11 10.82 22.59
C GLU B 429 0.87 9.67 22.32
N GLU B 430 1.14 8.86 23.35
CA GLU B 430 1.90 7.62 23.17
C GLU B 430 1.23 6.64 22.18
N ARG B 431 -0.05 6.35 22.40
CA ARG B 431 -0.77 5.37 21.58
C ARG B 431 -0.93 5.83 20.13
N ALA B 432 -1.02 7.15 19.92
CA ALA B 432 -1.13 7.73 18.58
C ALA B 432 0.07 7.39 17.70
N ILE B 433 1.26 7.45 18.30
CA ILE B 433 2.50 7.11 17.62
C ILE B 433 2.54 5.61 17.29
N TYR B 434 2.17 4.81 18.29
CA TYR B 434 1.98 3.37 18.13
C TYR B 434 1.02 3.02 16.96
N ASP B 435 -0.19 3.59 16.96
CA ASP B 435 -1.19 3.38 15.88
C ASP B 435 -0.67 3.82 14.51
N LYS B 436 -0.02 4.97 14.47
CA LYS B 436 0.53 5.50 13.25
C LYS B 436 1.53 4.52 12.64
N TYR B 437 2.46 4.01 13.44
CA TYR B 437 3.60 3.25 12.89
C TYR B 437 3.57 1.72 12.97
N TRP B 438 3.03 1.15 14.04
CA TRP B 438 3.39 -0.24 14.39
C TRP B 438 2.92 -1.27 13.36
N ALA B 439 1.64 -1.20 12.98
CA ALA B 439 1.12 -2.07 11.90
C ALA B 439 2.00 -2.04 10.64
N ASP B 440 2.34 -0.84 10.15
CA ASP B 440 3.17 -0.70 8.96
C ASP B 440 4.53 -1.32 9.26
N VAL B 441 5.11 -1.02 10.42
CA VAL B 441 6.45 -1.56 10.71
C VAL B 441 6.44 -3.07 10.73
N ARG B 442 5.42 -3.62 11.37
CA ARG B 442 5.22 -5.05 11.51
C ARG B 442 5.15 -5.76 10.15
N THR B 443 4.41 -5.17 9.21
CA THR B 443 4.29 -5.75 7.88
C THR B 443 5.63 -5.73 7.16
N TYR B 444 6.40 -4.67 7.36
CA TYR B 444 7.75 -4.61 6.81
C TYR B 444 8.63 -5.74 7.42
N MET B 445 8.61 -5.89 8.74
CA MET B 445 9.32 -6.98 9.42
C MET B 445 8.98 -8.39 8.87
N TYR B 446 7.69 -8.72 8.79
CA TYR B 446 7.25 -10.03 8.30
C TYR B 446 7.78 -10.39 6.90
N GLU B 447 7.65 -9.41 5.99
CA GLU B 447 8.15 -9.51 4.61
C GLU B 447 9.67 -9.64 4.55
N MET B 448 10.39 -8.83 5.31
CA MET B 448 11.84 -9.08 5.51
C MET B 448 12.17 -10.50 6.04
N GLY B 449 11.47 -10.94 7.09
CA GLY B 449 11.70 -12.28 7.68
C GLY B 449 11.54 -13.41 6.67
N GLN B 450 10.43 -13.33 5.97
CA GLN B 450 10.11 -14.19 4.85
C GLN B 450 11.27 -14.27 3.81
N ALA B 451 11.84 -13.10 3.48
CA ALA B 451 12.90 -13.03 2.48
C ALA B 451 14.16 -13.68 3.03
N TRP B 452 14.41 -13.51 4.34
CA TRP B 452 15.54 -14.18 4.97
C TRP B 452 15.38 -15.72 4.99
N VAL B 453 14.24 -16.19 5.47
CA VAL B 453 13.96 -17.63 5.51
C VAL B 453 14.12 -18.30 4.14
N MET B 454 13.52 -17.70 3.11
CA MET B 454 13.51 -18.29 1.78
C MET B 454 14.82 -18.12 0.99
N GLY B 455 15.74 -17.31 1.52
CA GLY B 455 17.05 -17.16 0.91
C GLY B 455 17.13 -16.03 -0.12
N THR B 456 16.00 -15.38 -0.38
CA THR B 456 15.96 -14.31 -1.36
C THR B 456 16.85 -13.15 -0.90
N LYS B 457 16.86 -12.88 0.40
CA LYS B 457 17.79 -11.92 0.99
C LYS B 457 18.70 -12.52 2.05
N ASP B 458 19.95 -12.07 2.04
CA ASP B 458 20.96 -12.55 2.97
C ASP B 458 20.95 -11.70 4.24
N VAL B 459 20.75 -12.36 5.38
CA VAL B 459 20.56 -11.69 6.66
C VAL B 459 21.62 -10.62 6.97
N ASP B 460 22.89 -11.03 6.95
CA ASP B 460 24.03 -10.17 7.28
C ASP B 460 24.15 -8.99 6.35
N LYS B 461 24.10 -9.25 5.05
CA LYS B 461 24.26 -8.17 4.08
C LYS B 461 23.07 -7.18 4.06
N THR B 462 21.91 -7.58 4.62
CA THR B 462 20.77 -6.65 4.65
C THR B 462 20.35 -6.22 6.06
N TRP B 463 21.11 -6.63 7.07
CA TRP B 463 20.78 -6.25 8.45
C TRP B 463 20.83 -4.72 8.67
N ASP B 464 21.87 -4.08 8.16
CA ASP B 464 22.05 -2.65 8.37
C ASP B 464 20.96 -1.84 7.71
N GLU B 465 20.68 -2.12 6.43
CA GLU B 465 19.57 -1.42 5.73
C GLU B 465 18.23 -1.64 6.42
N TYR B 466 18.05 -2.84 6.96
CA TYR B 466 16.87 -3.20 7.73
C TYR B 466 16.68 -2.27 8.92
N GLN B 467 17.73 -2.13 9.72
CA GLN B 467 17.74 -1.26 10.93
C GLN B 467 17.41 0.18 10.57
N ARG B 468 18.01 0.66 9.49
CA ARG B 468 17.69 1.94 8.91
C ARG B 468 16.18 2.08 8.59
N GLN B 469 15.62 1.09 7.90
CA GLN B 469 14.19 1.04 7.59
C GLN B 469 13.33 1.03 8.84
N LEU B 470 13.77 0.31 9.87
CA LEU B 470 13.01 0.24 11.12
C LEU B 470 12.96 1.59 11.80
N LYS B 471 14.10 2.28 11.77
CA LYS B 471 14.21 3.58 12.40
C LYS B 471 13.39 4.64 11.68
N LEU B 472 13.48 4.69 10.36
CA LEU B 472 12.74 5.71 9.64
C LEU B 472 11.24 5.43 9.61
N ARG B 473 10.87 4.16 9.64
CA ARG B 473 9.47 3.73 9.67
C ARG B 473 8.81 3.84 11.07
N GLY B 474 9.57 4.30 12.07
CA GLY B 474 8.98 4.64 13.38
C GLY B 474 9.12 3.63 14.52
N LEU B 475 9.88 2.56 14.31
CA LEU B 475 10.06 1.56 15.37
C LEU B 475 10.62 2.10 16.69
N TYR B 476 11.74 2.81 16.62
CA TYR B 476 12.42 3.32 17.84
C TYR B 476 11.64 4.43 18.53
N GLN B 477 10.87 5.16 17.75
CA GLN B 477 9.89 6.06 18.31
C GLN B 477 8.79 5.28 19.02
N VAL B 478 8.33 4.17 18.43
CA VAL B 478 7.30 3.37 19.08
C VAL B 478 7.78 2.76 20.41
N LEU B 479 9.00 2.21 20.43
CA LEU B 479 9.60 1.63 21.63
C LEU B 479 9.77 2.66 22.77
N GLN B 480 10.22 3.86 22.39
CA GLN B 480 10.33 4.99 23.30
C GLN B 480 8.97 5.30 23.95
N MET B 481 7.90 5.33 23.16
CA MET B 481 6.61 5.66 23.75
C MET B 481 6.14 4.53 24.66
N MET B 482 6.42 3.28 24.26
CA MET B 482 6.08 2.15 25.11
C MET B 482 6.95 2.12 26.38
N GLN B 483 8.21 2.52 26.26
CA GLN B 483 9.10 2.61 27.43
C GLN B 483 8.58 3.61 28.47
N GLN B 484 8.00 4.69 27.98
CA GLN B 484 7.42 5.71 28.83
C GLN B 484 6.24 5.12 29.57
N ALA B 485 5.39 4.39 28.86
CA ALA B 485 4.17 3.80 29.43
C ALA B 485 4.50 2.71 30.44
N TYR B 486 5.55 1.96 30.15
CA TYR B 486 6.05 0.92 31.04
C TYR B 486 6.47 1.55 32.36
N ASP B 487 7.39 2.50 32.27
CA ASP B 487 7.93 3.21 33.42
C ASP B 487 6.83 3.81 34.31
N ARG B 488 5.75 4.28 33.69
CA ARG B 488 4.62 4.77 34.45
C ARG B 488 3.91 3.61 35.13
C1 BEM C . 5.13 13.46 -20.96
C2 BEM C . 5.18 14.12 -19.56
O2 BEM C . 6.10 13.47 -18.66
C3 BEM C . 5.62 15.55 -19.75
O3 BEM C . 5.93 16.12 -18.48
C4 BEM C . 6.86 15.69 -20.63
O4 BEM C . 6.80 16.99 -21.16
C5 BEM C . 6.69 14.96 -21.95
O5 BEM C . 6.40 13.60 -21.65
C6 BEM C . 7.91 15.28 -22.79
O6B BEM C . 7.72 15.88 -23.87
O6A BEM C . 9.08 15.08 -22.38
O1 BEM C . 4.68 12.07 -20.89
C1 BEM C . 7.78 17.94 -20.86
C2 BEM C . 7.30 19.02 -21.83
O2 BEM C . 5.84 19.16 -21.83
C3 BEM C . 7.73 20.38 -21.41
O3 BEM C . 6.97 21.25 -22.25
C4 BEM C . 7.15 20.59 -20.05
O4 BEM C . 7.60 21.85 -19.61
C5 BEM C . 7.73 19.57 -19.09
O5 BEM C . 7.60 18.22 -19.48
C6 BEM C . 7.12 19.83 -17.76
O6B BEM C . 7.98 19.90 -16.87
O6A BEM C . 5.89 20.01 -17.61
C1 MAW C . 7.04 23.06 -19.65
C2 MAW C . 8.02 23.75 -18.70
O2 MAW C . 9.37 23.60 -19.19
C3 MAW C . 7.60 25.22 -18.66
O3 MAW C . 8.61 25.96 -17.95
C4 MAW C . 7.41 25.75 -20.09
C5 MAW C . 7.34 24.92 -21.14
O5 MAW C . 7.31 23.49 -20.97
C6 MAW C . 7.30 25.32 -22.54
O6A MAW C . 7.12 26.51 -22.85
O6B MAW C . 7.45 24.39 -23.37
C1 BEM D . -3.39 -17.14 14.82
C2 BEM D . -4.12 -16.75 16.13
O2 BEM D . -3.78 -15.43 16.54
C3 BEM D . -5.65 -16.77 16.05
O3 BEM D . -6.08 -15.48 15.61
C4 BEM D . -6.18 -17.84 15.07
O4 BEM D . -6.92 -18.96 15.62
C5 BEM D . -5.11 -18.41 14.12
O5 BEM D . -4.29 -17.33 13.70
C6 BEM D . -5.73 -19.25 13.03
O6B BEM D . -6.91 -19.03 12.67
O6A BEM D . -5.03 -20.19 12.58
O1 BEM D . -2.33 -16.23 14.49
C1 BEM D . -6.50 -19.81 16.70
C2 BEM D . -5.55 -20.99 16.48
O2 BEM D . -4.23 -20.83 17.07
C3 BEM D . -6.16 -21.96 17.45
O3 BEM D . -5.22 -23.01 17.55
C4 BEM D . -6.31 -21.35 18.85
O4 BEM D . -7.21 -22.12 19.62
C5 BEM D . -7.01 -20.02 18.75
O5 BEM D . -6.23 -19.19 17.94
C6 BEM D . -7.27 -19.31 20.03
O6B BEM D . -6.34 -18.87 20.69
O6A BEM D . -8.47 -19.19 20.28
C1 MAW D . -6.75 -22.81 20.66
C2 MAW D . -8.04 -22.90 21.46
O2 MAW D . -9.08 -23.48 20.67
C3 MAW D . -7.78 -23.87 22.57
O3 MAW D . -9.09 -24.09 23.12
C4 MAW D . -7.19 -25.17 22.04
C5 MAW D . -6.62 -25.20 20.80
O5 MAW D . -6.54 -24.04 19.98
C6 MAW D . -6.04 -26.40 20.19
O6A MAW D . -5.79 -26.40 18.96
O6B MAW D . -5.77 -27.38 20.89
#